data_2ENT
#
_entry.id   2ENT
#
loop_
_entity.id
_entity.type
_entity.pdbx_description
1 polymer 'Krueppel-like factor 15'
2 non-polymer 'ZINC ION'
#
_entity_poly.entity_id   1
_entity_poly.type   'polypeptide(L)'
_entity_poly.pdbx_seq_one_letter_code
;GSSGSSGTGEKPFACTWPGCGWRFSRSDELSRHRRSHSGVKPSGPSSG
;
_entity_poly.pdbx_strand_id   A
#
loop_
_chem_comp.id
_chem_comp.type
_chem_comp.name
_chem_comp.formula
ZN non-polymer 'ZINC ION' 'Zn 2'
#
# COMPACT_ATOMS: atom_id res chain seq x y z
N GLY A 1 -22.81 0.76 -6.71
CA GLY A 1 -24.19 0.49 -7.04
C GLY A 1 -25.06 0.24 -5.82
N SER A 2 -25.72 -0.91 -5.78
CA SER A 2 -26.58 -1.25 -4.66
C SER A 2 -26.01 -2.42 -3.87
N SER A 3 -25.71 -3.51 -4.57
CA SER A 3 -25.15 -4.69 -3.93
C SER A 3 -23.81 -4.38 -3.28
N GLY A 4 -23.71 -4.63 -1.97
CA GLY A 4 -22.47 -4.37 -1.26
C GLY A 4 -21.55 -5.56 -1.26
N SER A 5 -20.61 -5.59 -0.32
CA SER A 5 -19.65 -6.67 -0.22
C SER A 5 -19.88 -7.49 1.05
N SER A 6 -20.03 -8.80 0.88
CA SER A 6 -20.26 -9.70 2.01
C SER A 6 -19.27 -10.86 2.00
N GLY A 7 -19.10 -11.48 0.83
CA GLY A 7 -18.18 -12.59 0.70
C GLY A 7 -16.75 -12.20 1.01
N THR A 8 -16.19 -11.31 0.20
CA THR A 8 -14.82 -10.86 0.39
C THR A 8 -14.78 -9.43 0.93
N GLY A 9 -13.67 -9.06 1.54
CA GLY A 9 -13.52 -7.73 2.09
C GLY A 9 -12.60 -7.69 3.30
N GLU A 10 -11.31 -7.87 3.07
CA GLU A 10 -10.34 -7.87 4.16
C GLU A 10 -8.94 -7.54 3.63
N LYS A 11 -8.36 -6.45 4.12
CA LYS A 11 -7.04 -6.03 3.70
C LYS A 11 -6.19 -5.64 4.90
N PRO A 12 -5.42 -6.60 5.43
CA PRO A 12 -4.55 -6.37 6.59
C PRO A 12 -3.36 -5.48 6.25
N PHE A 13 -2.97 -5.47 4.98
CA PHE A 13 -1.85 -4.65 4.52
C PHE A 13 -2.27 -3.21 4.33
N ALA A 14 -2.02 -2.38 5.33
CA ALA A 14 -2.38 -0.97 5.28
C ALA A 14 -1.14 -0.10 5.09
N CYS A 15 -1.19 0.82 4.14
CA CYS A 15 -0.08 1.72 3.87
C CYS A 15 0.45 2.34 5.16
N THR A 16 1.74 2.65 5.18
CA THR A 16 2.36 3.26 6.34
C THR A 16 2.42 4.78 6.22
N TRP A 17 2.52 5.26 4.99
CA TRP A 17 2.59 6.69 4.73
C TRP A 17 1.50 7.43 5.50
N PRO A 18 1.84 8.61 6.05
CA PRO A 18 0.92 9.44 6.81
C PRO A 18 -0.18 10.04 5.94
N GLY A 19 -1.40 10.09 6.47
CA GLY A 19 -2.52 10.64 5.72
C GLY A 19 -3.11 9.65 4.74
N CYS A 20 -2.27 8.82 4.15
CA CYS A 20 -2.72 7.83 3.19
C CYS A 20 -3.59 6.77 3.88
N GLY A 21 -4.52 6.21 3.11
CA GLY A 21 -5.40 5.19 3.65
C GLY A 21 -5.70 4.08 2.67
N TRP A 22 -4.65 3.58 2.02
CA TRP A 22 -4.80 2.51 1.04
C TRP A 22 -4.46 1.16 1.65
N ARG A 23 -5.36 0.19 1.49
CA ARG A 23 -5.14 -1.14 2.02
C ARG A 23 -5.17 -2.19 0.91
N PHE A 24 -4.52 -3.32 1.17
CA PHE A 24 -4.47 -4.41 0.19
C PHE A 24 -4.61 -5.77 0.86
N SER A 25 -5.23 -6.71 0.16
CA SER A 25 -5.43 -8.05 0.69
C SER A 25 -4.14 -8.86 0.64
N ARG A 26 -3.23 -8.45 -0.24
CA ARG A 26 -1.95 -9.13 -0.39
C ARG A 26 -0.79 -8.20 -0.05
N SER A 27 0.37 -8.78 0.21
CA SER A 27 1.55 -8.00 0.55
C SER A 27 2.08 -7.26 -0.67
N ASP A 28 2.37 -8.01 -1.74
CA ASP A 28 2.88 -7.42 -2.96
C ASP A 28 2.02 -6.23 -3.40
N GLU A 29 0.71 -6.39 -3.26
CA GLU A 29 -0.23 -5.33 -3.65
C GLU A 29 0.05 -4.05 -2.86
N LEU A 30 0.49 -4.22 -1.61
CA LEU A 30 0.78 -3.08 -0.75
C LEU A 30 2.16 -2.51 -1.06
N SER A 31 3.14 -3.40 -1.25
CA SER A 31 4.50 -3.00 -1.54
C SER A 31 4.56 -2.17 -2.83
N ARG A 32 3.89 -2.68 -3.87
CA ARG A 32 3.87 -1.98 -5.15
C ARG A 32 3.26 -0.58 -5.02
N HIS A 33 2.34 -0.44 -4.08
CA HIS A 33 1.70 0.85 -3.85
C HIS A 33 2.65 1.82 -3.15
N ARG A 34 3.29 1.35 -2.08
CA ARG A 34 4.22 2.17 -1.33
C ARG A 34 5.09 3.01 -2.26
N ARG A 35 5.33 2.48 -3.46
CA ARG A 35 6.15 3.18 -4.44
C ARG A 35 5.63 4.60 -4.67
N SER A 36 4.33 4.73 -4.84
CA SER A 36 3.71 6.03 -5.07
C SER A 36 4.28 7.08 -4.13
N HIS A 37 4.63 6.66 -2.92
CA HIS A 37 5.20 7.56 -1.93
C HIS A 37 6.73 7.52 -1.96
N SER A 38 7.36 8.50 -1.32
CA SER A 38 8.82 8.57 -1.28
C SER A 38 9.35 7.97 0.02
N GLY A 39 9.99 6.81 -0.09
CA GLY A 39 10.54 6.16 1.09
C GLY A 39 11.73 5.28 0.76
N VAL A 40 12.57 5.03 1.75
CA VAL A 40 13.75 4.19 1.56
C VAL A 40 13.38 2.87 0.91
N LYS A 41 13.95 2.61 -0.26
CA LYS A 41 13.70 1.37 -0.99
C LYS A 41 14.76 0.33 -0.68
N PRO A 42 14.34 -0.95 -0.68
CA PRO A 42 15.24 -2.07 -0.40
C PRO A 42 16.24 -2.31 -1.53
N SER A 43 16.10 -1.53 -2.60
CA SER A 43 17.00 -1.65 -3.75
C SER A 43 17.88 -0.41 -3.89
N GLY A 44 18.84 -0.48 -4.81
CA GLY A 44 19.74 0.64 -5.03
C GLY A 44 20.29 0.67 -6.44
N PRO A 45 21.47 0.06 -6.62
CA PRO A 45 22.14 0.00 -7.92
C PRO A 45 21.40 -0.89 -8.91
N SER A 46 20.51 -1.74 -8.40
CA SER A 46 19.75 -2.65 -9.24
C SER A 46 18.45 -3.08 -8.54
N SER A 47 17.44 -3.43 -9.33
CA SER A 47 16.16 -3.84 -8.80
C SER A 47 15.38 -4.66 -9.82
N GLY A 48 14.54 -5.57 -9.33
CA GLY A 48 13.75 -6.41 -10.21
C GLY A 48 12.26 -6.24 -10.00
ZN ZN B . -0.10 4.89 0.58
N GLY A 1 -31.14 -12.73 6.08
CA GLY A 1 -30.97 -11.83 4.95
C GLY A 1 -29.81 -10.87 5.16
N SER A 2 -28.83 -10.91 4.26
CA SER A 2 -27.67 -10.04 4.36
C SER A 2 -27.47 -9.26 3.06
N SER A 3 -26.95 -8.04 3.18
CA SER A 3 -26.72 -7.18 2.03
C SER A 3 -25.23 -6.90 1.86
N GLY A 4 -24.66 -7.39 0.77
CA GLY A 4 -23.24 -7.18 0.51
C GLY A 4 -22.40 -8.35 0.93
N SER A 5 -22.22 -9.31 0.03
CA SER A 5 -21.43 -10.50 0.33
C SER A 5 -19.94 -10.21 0.18
N SER A 6 -19.13 -10.86 1.01
CA SER A 6 -17.68 -10.67 0.97
C SER A 6 -17.05 -11.49 -0.15
N GLY A 7 -16.08 -10.90 -0.84
CA GLY A 7 -15.42 -11.59 -1.93
C GLY A 7 -14.03 -12.07 -1.55
N THR A 8 -13.02 -11.26 -1.86
CA THR A 8 -11.64 -11.61 -1.54
C THR A 8 -11.41 -11.61 -0.03
N GLY A 9 -12.30 -10.96 0.71
CA GLY A 9 -12.16 -10.90 2.15
C GLY A 9 -11.88 -9.49 2.65
N GLU A 10 -10.78 -9.35 3.37
CA GLU A 10 -10.40 -8.04 3.91
C GLU A 10 -8.95 -7.72 3.56
N LYS A 11 -8.62 -6.43 3.57
CA LYS A 11 -7.27 -5.97 3.26
C LYS A 11 -6.52 -5.57 4.53
N PRO A 12 -5.77 -6.52 5.10
CA PRO A 12 -4.99 -6.29 6.32
C PRO A 12 -3.81 -5.37 6.07
N PHE A 13 -3.21 -5.47 4.89
CA PHE A 13 -2.06 -4.63 4.54
C PHE A 13 -2.48 -3.18 4.39
N ALA A 14 -2.16 -2.37 5.40
CA ALA A 14 -2.50 -0.95 5.37
C ALA A 14 -1.26 -0.09 5.16
N CYS A 15 -1.33 0.82 4.20
CA CYS A 15 -0.21 1.70 3.89
C CYS A 15 0.36 2.32 5.17
N THR A 16 1.67 2.53 5.18
CA THR A 16 2.35 3.11 6.33
C THR A 16 2.42 4.63 6.22
N TRP A 17 2.53 5.13 5.00
CA TRP A 17 2.60 6.56 4.76
C TRP A 17 1.54 7.30 5.55
N PRO A 18 1.91 8.47 6.10
CA PRO A 18 0.99 9.30 6.88
C PRO A 18 -0.11 9.94 6.03
N GLY A 19 -1.31 9.97 6.56
CA GLY A 19 -2.43 10.54 5.83
C GLY A 19 -3.06 9.57 4.85
N CYS A 20 -2.21 8.81 4.16
CA CYS A 20 -2.69 7.84 3.18
C CYS A 20 -3.56 6.78 3.85
N GLY A 21 -4.51 6.24 3.10
CA GLY A 21 -5.40 5.22 3.64
C GLY A 21 -5.67 4.11 2.64
N TRP A 22 -4.63 3.63 1.98
CA TRP A 22 -4.76 2.56 1.00
C TRP A 22 -4.44 1.21 1.61
N ARG A 23 -5.31 0.23 1.39
CA ARG A 23 -5.10 -1.11 1.93
C ARG A 23 -5.08 -2.14 0.81
N PHE A 24 -4.61 -3.34 1.14
CA PHE A 24 -4.53 -4.41 0.15
C PHE A 24 -4.67 -5.78 0.83
N SER A 25 -5.09 -6.77 0.06
CA SER A 25 -5.27 -8.12 0.57
C SER A 25 -3.93 -8.84 0.68
N ARG A 26 -3.06 -8.61 -0.29
CA ARG A 26 -1.74 -9.24 -0.29
C ARG A 26 -0.65 -8.22 0.05
N SER A 27 0.51 -8.73 0.45
CA SER A 27 1.63 -7.88 0.83
C SER A 27 2.23 -7.20 -0.41
N ASP A 28 2.29 -7.93 -1.50
CA ASP A 28 2.84 -7.41 -2.75
C ASP A 28 2.00 -6.22 -3.25
N GLU A 29 0.68 -6.39 -3.23
CA GLU A 29 -0.22 -5.34 -3.68
C GLU A 29 0.04 -4.04 -2.93
N LEU A 30 0.41 -4.15 -1.66
CA LEU A 30 0.68 -2.99 -0.83
C LEU A 30 2.07 -2.43 -1.12
N SER A 31 3.05 -3.33 -1.24
CA SER A 31 4.42 -2.93 -1.52
C SER A 31 4.50 -2.11 -2.82
N ARG A 32 3.82 -2.60 -3.85
CA ARG A 32 3.81 -1.93 -5.14
C ARG A 32 3.21 -0.52 -5.02
N HIS A 33 2.28 -0.36 -4.08
CA HIS A 33 1.64 0.93 -3.86
C HIS A 33 2.58 1.90 -3.16
N ARG A 34 3.34 1.38 -2.20
CA ARG A 34 4.29 2.21 -1.45
C ARG A 34 5.18 3.01 -2.40
N ARG A 35 5.34 2.52 -3.61
CA ARG A 35 6.17 3.20 -4.61
C ARG A 35 5.66 4.61 -4.86
N SER A 36 4.34 4.76 -4.93
CA SER A 36 3.73 6.06 -5.17
C SER A 36 4.30 7.10 -4.22
N HIS A 37 4.68 6.68 -3.02
CA HIS A 37 5.24 7.58 -2.02
C HIS A 37 6.76 7.58 -2.08
N SER A 38 7.38 8.52 -1.37
CA SER A 38 8.83 8.63 -1.35
C SER A 38 9.42 7.87 -0.16
N GLY A 39 8.98 6.62 -0.01
CA GLY A 39 9.48 5.80 1.08
C GLY A 39 10.91 5.35 0.88
N VAL A 40 11.74 5.55 1.89
CA VAL A 40 13.15 5.18 1.82
C VAL A 40 13.34 3.69 2.16
N LYS A 41 14.28 3.05 1.47
CA LYS A 41 14.55 1.64 1.70
C LYS A 41 15.98 1.44 2.22
N PRO A 42 16.18 0.35 2.97
CA PRO A 42 17.50 0.03 3.53
C PRO A 42 18.50 -0.39 2.47
N SER A 43 19.79 -0.28 2.80
CA SER A 43 20.85 -0.65 1.86
C SER A 43 20.59 -0.05 0.48
N GLY A 44 20.09 1.18 0.46
CA GLY A 44 19.81 1.85 -0.80
C GLY A 44 18.99 3.11 -0.61
N PRO A 45 19.68 4.22 -0.30
CA PRO A 45 19.03 5.52 -0.08
C PRO A 45 18.48 6.11 -1.38
N SER A 46 17.78 7.24 -1.25
CA SER A 46 17.20 7.90 -2.41
C SER A 46 17.47 9.40 -2.37
N SER A 47 17.47 10.03 -3.55
CA SER A 47 17.72 11.46 -3.63
C SER A 47 16.50 12.26 -3.18
N GLY A 48 15.36 11.99 -3.82
CA GLY A 48 14.14 12.69 -3.48
C GLY A 48 13.31 13.06 -4.70
ZN ZN B . -0.11 4.91 0.50
N GLY A 1 -15.17 4.25 -9.44
CA GLY A 1 -14.95 4.42 -10.86
C GLY A 1 -14.78 3.10 -11.58
N SER A 2 -13.74 2.99 -12.39
CA SER A 2 -13.47 1.78 -13.15
C SER A 2 -12.92 0.68 -12.24
N SER A 3 -13.80 -0.20 -11.79
CA SER A 3 -13.40 -1.30 -10.91
C SER A 3 -14.56 -2.28 -10.70
N GLY A 4 -14.38 -3.51 -11.17
CA GLY A 4 -15.41 -4.51 -11.03
C GLY A 4 -14.85 -5.90 -10.78
N SER A 5 -14.64 -6.23 -9.51
CA SER A 5 -14.10 -7.54 -9.15
C SER A 5 -14.99 -8.23 -8.12
N SER A 6 -14.84 -9.55 -8.02
CA SER A 6 -15.64 -10.34 -7.08
C SER A 6 -14.83 -10.66 -5.82
N GLY A 7 -14.09 -9.68 -5.33
CA GLY A 7 -13.29 -9.88 -4.14
C GLY A 7 -14.06 -9.63 -2.87
N THR A 8 -13.61 -10.22 -1.77
CA THR A 8 -14.27 -10.06 -0.48
C THR A 8 -13.35 -10.49 0.66
N GLY A 9 -13.59 -9.92 1.85
CA GLY A 9 -12.78 -10.25 3.00
C GLY A 9 -12.30 -9.02 3.75
N GLU A 10 -10.98 -8.90 3.89
CA GLU A 10 -10.38 -7.76 4.58
C GLU A 10 -8.95 -7.53 4.13
N LYS A 11 -8.57 -6.26 4.03
CA LYS A 11 -7.22 -5.90 3.61
C LYS A 11 -6.37 -5.45 4.80
N PRO A 12 -5.63 -6.41 5.38
CA PRO A 12 -4.76 -6.14 6.53
C PRO A 12 -3.56 -5.28 6.16
N PHE A 13 -3.09 -5.44 4.92
CA PHE A 13 -1.94 -4.68 4.44
C PHE A 13 -2.31 -3.23 4.19
N ALA A 14 -2.03 -2.36 5.16
CA ALA A 14 -2.33 -0.94 5.04
C ALA A 14 -1.06 -0.12 4.86
N CYS A 15 -1.15 0.93 4.06
CA CYS A 15 -0.01 1.79 3.80
C CYS A 15 0.50 2.43 5.09
N THR A 16 1.80 2.66 5.15
CA THR A 16 2.42 3.26 6.33
C THR A 16 2.45 4.78 6.22
N TRP A 17 2.53 5.28 5.00
CA TRP A 17 2.57 6.72 4.76
C TRP A 17 1.47 7.43 5.53
N PRO A 18 1.80 8.61 6.09
CA PRO A 18 0.86 9.41 6.86
C PRO A 18 -0.24 10.02 6.00
N GLY A 19 -1.45 10.04 6.52
CA GLY A 19 -2.58 10.59 5.78
C GLY A 19 -3.17 9.61 4.79
N CYS A 20 -2.32 8.80 4.18
CA CYS A 20 -2.76 7.80 3.22
C CYS A 20 -3.64 6.75 3.89
N GLY A 21 -4.54 6.15 3.11
CA GLY A 21 -5.43 5.13 3.64
C GLY A 21 -5.66 4.00 2.67
N TRP A 22 -4.62 3.61 1.95
CA TRP A 22 -4.72 2.52 0.97
C TRP A 22 -4.38 1.18 1.62
N ARG A 23 -5.27 0.21 1.44
CA ARG A 23 -5.07 -1.11 2.00
C ARG A 23 -5.13 -2.18 0.91
N PHE A 24 -4.59 -3.35 1.21
CA PHE A 24 -4.57 -4.46 0.25
C PHE A 24 -4.67 -5.80 0.97
N SER A 25 -5.20 -6.80 0.26
CA SER A 25 -5.35 -8.13 0.83
C SER A 25 -4.02 -8.86 0.88
N ARG A 26 -3.18 -8.62 -0.12
CA ARG A 26 -1.87 -9.25 -0.20
C ARG A 26 -0.76 -8.24 0.09
N SER A 27 0.46 -8.74 0.28
CA SER A 27 1.60 -7.88 0.56
C SER A 27 2.08 -7.17 -0.70
N ASP A 28 2.40 -7.96 -1.72
CA ASP A 28 2.87 -7.41 -2.99
C ASP A 28 1.97 -6.26 -3.44
N GLU A 29 0.67 -6.43 -3.27
CA GLU A 29 -0.30 -5.40 -3.67
C GLU A 29 -0.04 -4.10 -2.91
N LEU A 30 0.38 -4.23 -1.66
CA LEU A 30 0.65 -3.07 -0.82
C LEU A 30 2.03 -2.48 -1.12
N SER A 31 3.01 -3.37 -1.25
CA SER A 31 4.38 -2.94 -1.55
C SER A 31 4.43 -2.14 -2.83
N ARG A 32 3.78 -2.65 -3.87
CA ARG A 32 3.75 -1.99 -5.17
C ARG A 32 3.16 -0.59 -5.05
N HIS A 33 2.29 -0.39 -4.06
CA HIS A 33 1.66 0.90 -3.83
C HIS A 33 2.62 1.87 -3.15
N ARG A 34 3.30 1.39 -2.11
CA ARG A 34 4.25 2.21 -1.37
C ARG A 34 5.11 3.01 -2.32
N ARG A 35 5.34 2.48 -3.51
CA ARG A 35 6.16 3.14 -4.52
C ARG A 35 5.71 4.60 -4.71
N SER A 36 4.40 4.79 -4.81
CA SER A 36 3.85 6.13 -5.00
C SER A 36 4.52 7.14 -4.06
N HIS A 37 4.77 6.70 -2.84
CA HIS A 37 5.41 7.57 -1.84
C HIS A 37 6.91 7.39 -1.86
N SER A 38 7.63 8.42 -1.42
CA SER A 38 9.08 8.38 -1.39
C SER A 38 9.58 7.65 -0.14
N GLY A 39 9.07 8.06 1.01
CA GLY A 39 9.47 7.44 2.26
C GLY A 39 10.12 8.42 3.22
N VAL A 40 9.70 8.39 4.48
CA VAL A 40 10.24 9.29 5.49
C VAL A 40 11.08 8.53 6.51
N LYS A 41 12.40 8.72 6.44
CA LYS A 41 13.32 8.05 7.36
C LYS A 41 14.41 9.00 7.81
N PRO A 42 14.97 8.74 9.01
CA PRO A 42 16.05 9.55 9.58
C PRO A 42 17.36 9.40 8.82
N SER A 43 17.39 8.45 7.89
CA SER A 43 18.59 8.20 7.10
C SER A 43 19.10 9.49 6.47
N GLY A 44 18.20 10.23 5.84
CA GLY A 44 18.58 11.49 5.20
C GLY A 44 19.91 11.39 4.49
N PRO A 45 19.95 10.62 3.40
CA PRO A 45 21.16 10.42 2.60
C PRO A 45 21.57 11.68 1.84
N SER A 46 22.87 11.87 1.64
CA SER A 46 23.38 13.03 0.94
C SER A 46 22.98 12.98 -0.54
N SER A 47 23.42 11.94 -1.23
CA SER A 47 23.11 11.78 -2.64
C SER A 47 22.51 10.40 -2.92
N GLY A 48 21.70 10.32 -3.97
CA GLY A 48 21.09 9.04 -4.32
C GLY A 48 19.58 9.14 -4.41
ZN ZN B . 0.03 5.04 0.54
N GLY A 1 -27.07 -6.66 -10.53
CA GLY A 1 -26.63 -8.04 -10.48
C GLY A 1 -27.37 -8.85 -9.41
N SER A 2 -26.60 -9.50 -8.55
CA SER A 2 -27.19 -10.31 -7.49
C SER A 2 -26.90 -9.71 -6.12
N SER A 3 -27.79 -9.96 -5.17
CA SER A 3 -27.64 -9.44 -3.81
C SER A 3 -28.01 -10.48 -2.78
N GLY A 4 -27.58 -10.26 -1.54
CA GLY A 4 -27.88 -11.20 -0.47
C GLY A 4 -26.71 -12.13 -0.18
N SER A 5 -25.51 -11.56 -0.10
CA SER A 5 -24.31 -12.34 0.17
C SER A 5 -23.35 -11.57 1.06
N SER A 6 -22.62 -12.30 1.90
CA SER A 6 -21.66 -11.69 2.82
C SER A 6 -20.30 -12.36 2.72
N GLY A 7 -19.26 -11.53 2.66
CA GLY A 7 -17.91 -12.06 2.55
C GLY A 7 -17.20 -11.60 1.29
N THR A 8 -16.58 -10.43 1.35
CA THR A 8 -15.87 -9.88 0.20
C THR A 8 -14.37 -10.02 0.37
N GLY A 9 -13.87 -9.74 1.58
CA GLY A 9 -12.45 -9.85 1.84
C GLY A 9 -11.92 -8.66 2.60
N GLU A 10 -11.02 -8.93 3.55
CA GLU A 10 -10.43 -7.86 4.36
C GLU A 10 -8.99 -7.60 3.94
N LYS A 11 -8.60 -6.32 3.91
CA LYS A 11 -7.25 -5.94 3.53
C LYS A 11 -6.44 -5.53 4.75
N PRO A 12 -5.71 -6.49 5.32
CA PRO A 12 -4.87 -6.24 6.50
C PRO A 12 -3.67 -5.37 6.19
N PHE A 13 -3.17 -5.47 4.96
CA PHE A 13 -2.02 -4.69 4.53
C PHE A 13 -2.40 -3.23 4.33
N ALA A 14 -2.09 -2.39 5.33
CA ALA A 14 -2.39 -0.97 5.26
C ALA A 14 -1.13 -0.15 5.04
N CYS A 15 -1.23 0.86 4.17
CA CYS A 15 -0.09 1.72 3.86
C CYS A 15 0.49 2.31 5.14
N THR A 16 1.78 2.62 5.11
CA THR A 16 2.48 3.19 6.26
C THR A 16 2.51 4.71 6.17
N TRP A 17 2.57 5.22 4.95
CA TRP A 17 2.62 6.67 4.74
C TRP A 17 1.52 7.37 5.53
N PRO A 18 1.85 8.54 6.09
CA PRO A 18 0.91 9.33 6.89
C PRO A 18 -0.19 9.95 6.03
N GLY A 19 -1.42 9.96 6.55
CA GLY A 19 -2.53 10.53 5.82
C GLY A 19 -3.13 9.55 4.84
N CYS A 20 -2.28 8.81 4.13
CA CYS A 20 -2.72 7.84 3.14
C CYS A 20 -3.61 6.78 3.80
N GLY A 21 -4.53 6.22 3.02
CA GLY A 21 -5.41 5.20 3.54
C GLY A 21 -5.64 4.07 2.56
N TRP A 22 -4.57 3.64 1.89
CA TRP A 22 -4.66 2.56 0.91
C TRP A 22 -4.34 1.22 1.55
N ARG A 23 -5.23 0.26 1.37
CA ARG A 23 -5.05 -1.08 1.93
C ARG A 23 -5.08 -2.14 0.83
N PHE A 24 -4.58 -3.33 1.16
CA PHE A 24 -4.55 -4.43 0.20
C PHE A 24 -4.68 -5.78 0.92
N SER A 25 -5.17 -6.78 0.20
CA SER A 25 -5.35 -8.11 0.77
C SER A 25 -4.02 -8.84 0.85
N ARG A 26 -3.15 -8.61 -0.13
CA ARG A 26 -1.84 -9.24 -0.16
C ARG A 26 -0.74 -8.24 0.15
N SER A 27 0.48 -8.74 0.33
CA SER A 27 1.62 -7.88 0.64
C SER A 27 2.10 -7.14 -0.62
N ASP A 28 2.44 -7.91 -1.65
CA ASP A 28 2.91 -7.33 -2.90
C ASP A 28 2.02 -6.18 -3.34
N GLU A 29 0.70 -6.41 -3.28
CA GLU A 29 -0.26 -5.39 -3.68
C GLU A 29 -0.03 -4.08 -2.91
N LEU A 30 0.40 -4.21 -1.66
CA LEU A 30 0.67 -3.05 -0.82
C LEU A 30 2.05 -2.48 -1.11
N SER A 31 3.04 -3.36 -1.27
CA SER A 31 4.41 -2.93 -1.54
C SER A 31 4.47 -2.14 -2.84
N ARG A 32 3.78 -2.63 -3.86
CA ARG A 32 3.77 -1.98 -5.17
C ARG A 32 3.17 -0.57 -5.07
N HIS A 33 2.27 -0.39 -4.09
CA HIS A 33 1.62 0.89 -3.88
C HIS A 33 2.56 1.87 -3.18
N ARG A 34 3.25 1.39 -2.15
CA ARG A 34 4.18 2.21 -1.39
C ARG A 34 5.07 3.03 -2.33
N ARG A 35 5.30 2.51 -3.54
CA ARG A 35 6.13 3.18 -4.52
C ARG A 35 5.67 4.63 -4.71
N SER A 36 4.36 4.81 -4.85
CA SER A 36 3.80 6.15 -5.05
C SER A 36 4.40 7.14 -4.08
N HIS A 37 4.68 6.68 -2.86
CA HIS A 37 5.26 7.54 -1.84
C HIS A 37 6.78 7.42 -1.82
N SER A 38 7.45 8.43 -1.29
CA SER A 38 8.92 8.43 -1.22
C SER A 38 9.40 7.88 0.12
N GLY A 39 9.70 6.58 0.15
CA GLY A 39 10.17 5.97 1.38
C GLY A 39 11.69 5.96 1.48
N VAL A 40 12.21 5.04 2.28
CA VAL A 40 13.65 4.93 2.46
C VAL A 40 14.14 3.50 2.21
N LYS A 41 15.07 3.36 1.27
CA LYS A 41 15.62 2.05 0.94
C LYS A 41 17.03 1.89 1.48
N PRO A 42 17.38 0.67 1.91
CA PRO A 42 18.70 0.37 2.46
C PRO A 42 19.79 0.40 1.37
N SER A 43 19.36 0.43 0.13
CA SER A 43 20.30 0.45 -1.00
C SER A 43 20.87 1.86 -1.19
N GLY A 44 19.98 2.85 -1.28
CA GLY A 44 20.43 4.22 -1.47
C GLY A 44 19.47 5.01 -2.33
N PRO A 45 19.39 6.33 -2.08
CA PRO A 45 18.52 7.23 -2.83
C PRO A 45 18.99 7.44 -4.26
N SER A 46 20.09 6.78 -4.63
CA SER A 46 20.64 6.90 -5.97
C SER A 46 19.53 7.06 -7.00
N SER A 47 19.50 8.21 -7.64
CA SER A 47 18.49 8.50 -8.65
C SER A 47 18.87 9.72 -9.49
N GLY A 48 18.26 9.85 -10.66
CA GLY A 48 18.55 10.97 -11.53
C GLY A 48 19.07 10.53 -12.88
ZN ZN B . -0.07 4.92 0.56
N GLY A 1 -25.53 -0.52 -10.67
CA GLY A 1 -24.55 -1.35 -9.97
C GLY A 1 -25.22 -2.38 -9.07
N SER A 2 -24.54 -3.51 -8.88
CA SER A 2 -25.07 -4.58 -8.05
C SER A 2 -23.94 -5.32 -7.34
N SER A 3 -24.28 -5.96 -6.22
CA SER A 3 -23.30 -6.70 -5.44
C SER A 3 -23.30 -8.18 -5.83
N GLY A 4 -22.11 -8.79 -5.80
CA GLY A 4 -22.00 -10.19 -6.15
C GLY A 4 -21.32 -11.00 -5.07
N SER A 5 -19.99 -10.88 -4.98
CA SER A 5 -19.22 -11.62 -3.99
C SER A 5 -19.63 -11.21 -2.58
N SER A 6 -19.25 -12.03 -1.60
CA SER A 6 -19.58 -11.76 -0.21
C SER A 6 -18.35 -11.92 0.68
N GLY A 7 -18.00 -10.85 1.40
CA GLY A 7 -16.85 -10.89 2.27
C GLY A 7 -15.71 -11.71 1.71
N THR A 8 -15.23 -11.31 0.53
CA THR A 8 -14.14 -12.02 -0.13
C THR A 8 -12.92 -12.12 0.78
N GLY A 9 -12.47 -10.97 1.30
CA GLY A 9 -11.33 -10.95 2.18
C GLY A 9 -10.86 -9.54 2.49
N GLU A 10 -10.88 -9.18 3.76
CA GLU A 10 -10.46 -7.86 4.19
C GLU A 10 -9.02 -7.59 3.79
N LYS A 11 -8.65 -6.30 3.74
CA LYS A 11 -7.30 -5.92 3.36
C LYS A 11 -6.50 -5.48 4.58
N PRO A 12 -5.76 -6.42 5.18
CA PRO A 12 -4.94 -6.16 6.37
C PRO A 12 -3.73 -5.27 6.05
N PHE A 13 -3.16 -5.47 4.87
CA PHE A 13 -1.99 -4.70 4.45
C PHE A 13 -2.38 -3.24 4.19
N ALA A 14 -2.11 -2.38 5.18
CA ALA A 14 -2.42 -0.97 5.06
C ALA A 14 -1.16 -0.14 4.89
N CYS A 15 -1.21 0.83 3.98
CA CYS A 15 -0.07 1.70 3.72
C CYS A 15 0.48 2.29 5.02
N THR A 16 1.78 2.58 5.03
CA THR A 16 2.42 3.15 6.20
C THR A 16 2.46 4.67 6.13
N TRP A 17 2.59 5.20 4.92
CA TRP A 17 2.65 6.64 4.72
C TRP A 17 1.55 7.34 5.52
N PRO A 18 1.90 8.50 6.10
CA PRO A 18 0.95 9.29 6.91
C PRO A 18 -0.15 9.93 6.07
N GLY A 19 -1.36 9.93 6.59
CA GLY A 19 -2.48 10.51 5.88
C GLY A 19 -3.10 9.54 4.88
N CYS A 20 -2.25 8.78 4.20
CA CYS A 20 -2.71 7.81 3.22
C CYS A 20 -3.60 6.76 3.87
N GLY A 21 -4.51 6.20 3.08
CA GLY A 21 -5.42 5.18 3.60
C GLY A 21 -5.66 4.06 2.60
N TRP A 22 -4.59 3.63 1.94
CA TRP A 22 -4.70 2.56 0.95
C TRP A 22 -4.37 1.21 1.58
N ARG A 23 -5.27 0.23 1.38
CA ARG A 23 -5.08 -1.10 1.93
C ARG A 23 -5.09 -2.15 0.82
N PHE A 24 -4.61 -3.35 1.14
CA PHE A 24 -4.57 -4.44 0.18
C PHE A 24 -4.69 -5.78 0.87
N SER A 25 -5.16 -6.79 0.14
CA SER A 25 -5.33 -8.13 0.68
C SER A 25 -3.99 -8.85 0.78
N ARG A 26 -3.12 -8.62 -0.20
CA ARG A 26 -1.81 -9.25 -0.23
C ARG A 26 -0.72 -8.23 0.06
N SER A 27 0.47 -8.72 0.44
CA SER A 27 1.59 -7.85 0.76
C SER A 27 2.10 -7.14 -0.49
N ASP A 28 2.37 -7.91 -1.54
CA ASP A 28 2.86 -7.36 -2.79
C ASP A 28 1.96 -6.22 -3.27
N GLU A 29 0.66 -6.41 -3.11
CA GLU A 29 -0.31 -5.40 -3.53
C GLU A 29 -0.09 -4.09 -2.79
N LEU A 30 0.41 -4.19 -1.55
CA LEU A 30 0.66 -3.02 -0.73
C LEU A 30 2.04 -2.43 -1.03
N SER A 31 3.03 -3.31 -1.12
CA SER A 31 4.40 -2.89 -1.40
C SER A 31 4.47 -2.11 -2.71
N ARG A 32 3.83 -2.64 -3.75
CA ARG A 32 3.82 -1.99 -5.05
C ARG A 32 3.25 -0.58 -4.95
N HIS A 33 2.27 -0.40 -4.06
CA HIS A 33 1.64 0.91 -3.87
C HIS A 33 2.61 1.89 -3.21
N ARG A 34 3.28 1.44 -2.16
CA ARG A 34 4.22 2.28 -1.44
C ARG A 34 5.08 3.09 -2.41
N ARG A 35 5.31 2.53 -3.60
CA ARG A 35 6.11 3.20 -4.62
C ARG A 35 5.65 4.65 -4.80
N SER A 36 4.34 4.84 -4.91
CA SER A 36 3.78 6.17 -5.10
C SER A 36 4.42 7.18 -4.15
N HIS A 37 4.64 6.75 -2.90
CA HIS A 37 5.26 7.61 -1.91
C HIS A 37 6.78 7.47 -1.93
N SER A 38 7.47 8.48 -1.41
CA SER A 38 8.93 8.47 -1.38
C SER A 38 9.44 8.00 -0.02
N GLY A 39 10.32 7.00 -0.03
CA GLY A 39 10.86 6.48 1.21
C GLY A 39 12.36 6.64 1.29
N VAL A 40 12.89 6.73 2.50
CA VAL A 40 14.32 6.89 2.72
C VAL A 40 15.07 5.60 2.36
N LYS A 41 16.09 5.74 1.52
CA LYS A 41 16.90 4.60 1.10
C LYS A 41 18.39 4.92 1.16
N PRO A 42 19.20 3.93 1.54
CA PRO A 42 20.65 4.08 1.65
C PRO A 42 21.32 4.24 0.28
N SER A 43 20.60 3.89 -0.76
CA SER A 43 21.12 3.98 -2.12
C SER A 43 20.53 5.19 -2.85
N GLY A 44 21.36 6.21 -3.07
CA GLY A 44 20.92 7.40 -3.75
C GLY A 44 22.07 8.29 -4.19
N PRO A 45 22.75 7.88 -5.27
CA PRO A 45 23.88 8.63 -5.82
C PRO A 45 23.45 9.95 -6.45
N SER A 46 22.46 9.88 -7.32
CA SER A 46 21.95 11.07 -8.01
C SER A 46 20.86 11.75 -7.19
N SER A 47 21.07 11.81 -5.88
CA SER A 47 20.10 12.44 -4.99
C SER A 47 20.73 12.81 -3.65
N GLY A 48 20.33 13.94 -3.09
CA GLY A 48 20.87 14.38 -1.82
C GLY A 48 20.70 13.35 -0.72
ZN ZN B . -0.04 5.01 0.49
N GLY A 1 -32.86 4.07 -5.70
CA GLY A 1 -32.50 2.79 -5.10
C GLY A 1 -31.13 2.81 -4.47
N SER A 2 -30.87 1.86 -3.59
CA SER A 2 -29.59 1.76 -2.91
C SER A 2 -28.97 0.38 -3.10
N SER A 3 -28.08 0.27 -4.09
CA SER A 3 -27.42 -0.99 -4.38
C SER A 3 -26.52 -1.42 -3.24
N GLY A 4 -26.20 -2.71 -3.18
CA GLY A 4 -25.35 -3.22 -2.13
C GLY A 4 -24.05 -3.80 -2.65
N SER A 5 -22.95 -3.50 -1.98
CA SER A 5 -21.65 -4.00 -2.38
C SER A 5 -21.51 -5.50 -2.09
N SER A 6 -21.76 -6.32 -3.10
CA SER A 6 -21.67 -7.76 -2.95
C SER A 6 -20.25 -8.19 -2.60
N GLY A 7 -20.08 -9.48 -2.32
CA GLY A 7 -18.76 -9.99 -1.97
C GLY A 7 -18.32 -9.54 -0.60
N THR A 8 -17.40 -10.30 0.00
CA THR A 8 -16.89 -9.98 1.33
C THR A 8 -15.39 -10.23 1.42
N GLY A 9 -14.62 -9.14 1.51
CA GLY A 9 -13.17 -9.27 1.60
C GLY A 9 -12.57 -8.32 2.61
N GLU A 10 -11.29 -8.52 2.93
CA GLU A 10 -10.61 -7.68 3.90
C GLU A 10 -9.18 -7.39 3.43
N LYS A 11 -8.63 -6.27 3.90
CA LYS A 11 -7.28 -5.87 3.54
C LYS A 11 -6.50 -5.41 4.76
N PRO A 12 -5.76 -6.35 5.38
CA PRO A 12 -4.96 -6.07 6.57
C PRO A 12 -3.75 -5.19 6.26
N PHE A 13 -3.20 -5.34 5.06
CA PHE A 13 -2.05 -4.56 4.63
C PHE A 13 -2.42 -3.11 4.42
N ALA A 14 -2.16 -2.27 5.43
CA ALA A 14 -2.48 -0.85 5.34
C ALA A 14 -1.21 -0.02 5.13
N CYS A 15 -1.26 0.90 4.19
CA CYS A 15 -0.12 1.76 3.89
C CYS A 15 0.41 2.42 5.16
N THR A 16 1.72 2.60 5.22
CA THR A 16 2.36 3.20 6.38
C THR A 16 2.39 4.72 6.26
N TRP A 17 2.52 5.21 5.02
CA TRP A 17 2.55 6.65 4.76
C TRP A 17 1.49 7.37 5.57
N PRO A 18 1.84 8.55 6.11
CA PRO A 18 0.92 9.36 6.91
C PRO A 18 -0.18 9.98 6.06
N GLY A 19 -1.39 9.97 6.60
CA GLY A 19 -2.53 10.53 5.89
C GLY A 19 -3.14 9.55 4.90
N CYS A 20 -2.29 8.88 4.15
CA CYS A 20 -2.75 7.91 3.16
C CYS A 20 -3.68 6.88 3.80
N GLY A 21 -4.51 6.25 2.99
CA GLY A 21 -5.44 5.25 3.49
C GLY A 21 -5.67 4.12 2.51
N TRP A 22 -4.59 3.62 1.91
CA TRP A 22 -4.68 2.54 0.95
C TRP A 22 -4.39 1.20 1.60
N ARG A 23 -5.29 0.23 1.40
CA ARG A 23 -5.12 -1.09 1.98
C ARG A 23 -5.12 -2.17 0.88
N PHE A 24 -4.57 -3.34 1.22
CA PHE A 24 -4.51 -4.44 0.27
C PHE A 24 -4.64 -5.78 0.98
N SER A 25 -5.09 -6.80 0.25
CA SER A 25 -5.26 -8.13 0.81
C SER A 25 -3.95 -8.90 0.80
N ARG A 26 -3.09 -8.60 -0.17
CA ARG A 26 -1.80 -9.26 -0.30
C ARG A 26 -0.66 -8.28 -0.03
N SER A 27 0.53 -8.82 0.19
CA SER A 27 1.71 -8.00 0.46
C SER A 27 2.14 -7.24 -0.78
N ASP A 28 2.52 -7.98 -1.82
CA ASP A 28 2.95 -7.36 -3.08
C ASP A 28 2.00 -6.24 -3.49
N GLU A 29 0.71 -6.45 -3.26
CA GLU A 29 -0.29 -5.45 -3.62
C GLU A 29 -0.05 -4.15 -2.87
N LEU A 30 0.38 -4.25 -1.61
CA LEU A 30 0.66 -3.08 -0.79
C LEU A 30 2.03 -2.50 -1.12
N SER A 31 3.02 -3.37 -1.23
CA SER A 31 4.38 -2.94 -1.55
C SER A 31 4.42 -2.13 -2.85
N ARG A 32 3.78 -2.67 -3.88
CA ARG A 32 3.73 -2.00 -5.17
C ARG A 32 3.16 -0.59 -5.04
N HIS A 33 2.28 -0.40 -4.07
CA HIS A 33 1.65 0.90 -3.84
C HIS A 33 2.63 1.86 -3.19
N ARG A 34 3.33 1.37 -2.17
CA ARG A 34 4.31 2.19 -1.45
C ARG A 34 5.15 3.01 -2.42
N ARG A 35 5.34 2.48 -3.62
CA ARG A 35 6.13 3.15 -4.64
C ARG A 35 5.68 4.61 -4.81
N SER A 36 4.37 4.81 -4.90
CA SER A 36 3.81 6.14 -5.07
C SER A 36 4.47 7.13 -4.10
N HIS A 37 4.73 6.66 -2.88
CA HIS A 37 5.36 7.50 -1.86
C HIS A 37 6.87 7.35 -1.89
N SER A 38 7.58 8.36 -1.40
CA SER A 38 9.03 8.34 -1.36
C SER A 38 9.54 7.62 -0.13
N GLY A 39 9.98 6.37 -0.30
CA GLY A 39 10.49 5.58 0.81
C GLY A 39 11.99 5.42 0.77
N VAL A 40 12.68 6.00 1.75
CA VAL A 40 14.13 5.92 1.82
C VAL A 40 14.60 4.47 1.69
N LYS A 41 15.62 4.26 0.87
CA LYS A 41 16.17 2.93 0.66
C LYS A 41 17.50 2.76 1.40
N PRO A 42 17.89 1.50 1.62
CA PRO A 42 19.14 1.18 2.32
C PRO A 42 20.38 1.52 1.49
N SER A 43 20.25 1.41 0.17
CA SER A 43 21.35 1.70 -0.73
C SER A 43 21.88 3.12 -0.50
N GLY A 44 23.14 3.35 -0.87
CA GLY A 44 23.74 4.65 -0.69
C GLY A 44 24.02 5.33 -2.01
N PRO A 45 24.53 6.58 -1.94
CA PRO A 45 24.85 7.37 -3.12
C PRO A 45 26.06 6.83 -3.89
N SER A 46 25.81 6.31 -5.08
CA SER A 46 26.87 5.74 -5.90
C SER A 46 27.94 6.80 -6.21
N SER A 47 27.49 8.00 -6.56
CA SER A 47 28.40 9.08 -6.88
C SER A 47 29.16 8.80 -8.17
N GLY A 48 28.45 8.27 -9.17
CA GLY A 48 29.07 7.97 -10.44
C GLY A 48 29.73 9.17 -11.08
ZN ZN B . -0.01 5.01 0.53
N GLY A 1 -22.75 -9.62 -12.04
CA GLY A 1 -21.79 -10.55 -12.62
C GLY A 1 -21.82 -11.90 -11.94
N SER A 2 -22.41 -12.88 -12.63
CA SER A 2 -22.51 -14.23 -12.09
C SER A 2 -21.14 -14.77 -11.69
N SER A 3 -20.93 -14.94 -10.39
CA SER A 3 -19.66 -15.43 -9.87
C SER A 3 -19.80 -15.87 -8.42
N GLY A 4 -19.03 -16.87 -8.03
CA GLY A 4 -19.08 -17.36 -6.67
C GLY A 4 -17.75 -17.21 -5.95
N SER A 5 -17.75 -16.48 -4.85
CA SER A 5 -16.53 -16.25 -4.07
C SER A 5 -16.59 -17.01 -2.74
N SER A 6 -15.74 -18.02 -2.60
CA SER A 6 -15.70 -18.81 -1.38
C SER A 6 -15.96 -17.96 -0.15
N GLY A 7 -15.19 -16.88 -0.01
CA GLY A 7 -15.37 -15.98 1.12
C GLY A 7 -14.56 -14.70 0.97
N THR A 8 -15.14 -13.58 1.40
CA THR A 8 -14.48 -12.30 1.31
C THR A 8 -13.28 -12.24 2.26
N GLY A 9 -12.22 -11.55 1.82
CA GLY A 9 -11.03 -11.43 2.65
C GLY A 9 -10.64 -9.99 2.90
N GLU A 10 -10.58 -9.61 4.16
CA GLU A 10 -10.22 -8.24 4.53
C GLU A 10 -8.79 -7.92 4.11
N LYS A 11 -8.48 -6.63 4.07
CA LYS A 11 -7.14 -6.19 3.68
C LYS A 11 -6.34 -5.74 4.89
N PRO A 12 -5.57 -6.65 5.48
CA PRO A 12 -4.74 -6.36 6.65
C PRO A 12 -3.57 -5.44 6.33
N PHE A 13 -3.10 -5.49 5.09
CA PHE A 13 -1.99 -4.67 4.65
C PHE A 13 -2.43 -3.21 4.47
N ALA A 14 -2.10 -2.37 5.44
CA ALA A 14 -2.45 -0.96 5.39
C ALA A 14 -1.23 -0.08 5.16
N CYS A 15 -1.33 0.83 4.22
CA CYS A 15 -0.22 1.72 3.90
C CYS A 15 0.35 2.36 5.17
N THR A 16 1.65 2.61 5.16
CA THR A 16 2.32 3.21 6.31
C THR A 16 2.36 4.73 6.20
N TRP A 17 2.50 5.22 4.96
CA TRP A 17 2.55 6.66 4.72
C TRP A 17 1.47 7.39 5.53
N PRO A 18 1.83 8.56 6.07
CA PRO A 18 0.92 9.37 6.88
C PRO A 18 -0.19 10.00 6.03
N GLY A 19 -1.41 9.99 6.56
CA GLY A 19 -2.53 10.56 5.85
C GLY A 19 -3.14 9.58 4.86
N CYS A 20 -2.30 8.85 4.15
CA CYS A 20 -2.76 7.88 3.17
C CYS A 20 -3.62 6.81 3.82
N GLY A 21 -4.54 6.23 3.05
CA GLY A 21 -5.42 5.21 3.57
C GLY A 21 -5.66 4.09 2.58
N TRP A 22 -4.59 3.62 1.95
CA TRP A 22 -4.69 2.54 0.98
C TRP A 22 -4.35 1.20 1.61
N ARG A 23 -5.23 0.21 1.40
CA ARG A 23 -5.03 -1.12 1.95
C ARG A 23 -4.97 -2.17 0.84
N PHE A 24 -4.53 -3.37 1.19
CA PHE A 24 -4.43 -4.46 0.23
C PHE A 24 -4.57 -5.81 0.91
N SER A 25 -5.14 -6.78 0.20
CA SER A 25 -5.33 -8.12 0.75
C SER A 25 -4.00 -8.86 0.82
N ARG A 26 -3.11 -8.60 -0.14
CA ARG A 26 -1.82 -9.24 -0.19
C ARG A 26 -0.70 -8.25 0.12
N SER A 27 0.51 -8.76 0.30
CA SER A 27 1.66 -7.92 0.60
C SER A 27 2.13 -7.16 -0.64
N ASP A 28 2.42 -7.91 -1.70
CA ASP A 28 2.87 -7.31 -2.94
C ASP A 28 1.97 -6.16 -3.37
N GLU A 29 0.66 -6.42 -3.35
CA GLU A 29 -0.32 -5.40 -3.72
C GLU A 29 -0.09 -4.11 -2.97
N LEU A 30 0.37 -4.23 -1.72
CA LEU A 30 0.64 -3.07 -0.88
C LEU A 30 2.02 -2.49 -1.17
N SER A 31 3.00 -3.36 -1.31
CA SER A 31 4.37 -2.93 -1.60
C SER A 31 4.43 -2.12 -2.89
N ARG A 32 3.76 -2.61 -3.91
CA ARG A 32 3.73 -1.93 -5.21
C ARG A 32 3.17 -0.52 -5.07
N HIS A 33 2.25 -0.34 -4.12
CA HIS A 33 1.64 0.96 -3.88
C HIS A 33 2.62 1.91 -3.20
N ARG A 34 3.28 1.43 -2.16
CA ARG A 34 4.25 2.23 -1.42
C ARG A 34 5.14 3.02 -2.38
N ARG A 35 5.34 2.48 -3.57
CA ARG A 35 6.18 3.13 -4.58
C ARG A 35 5.75 4.58 -4.78
N SER A 36 4.43 4.79 -4.89
CA SER A 36 3.89 6.13 -5.10
C SER A 36 4.50 7.12 -4.11
N HIS A 37 4.83 6.63 -2.92
CA HIS A 37 5.41 7.48 -1.89
C HIS A 37 6.94 7.37 -1.89
N SER A 38 7.61 8.48 -1.61
CA SER A 38 9.07 8.49 -1.59
C SER A 38 9.61 7.72 -0.39
N GLY A 39 9.20 8.11 0.80
CA GLY A 39 9.65 7.44 2.00
C GLY A 39 10.21 8.41 3.03
N VAL A 40 9.36 9.26 3.57
CA VAL A 40 9.77 10.24 4.57
C VAL A 40 10.90 11.12 4.04
N LYS A 41 10.69 11.69 2.85
CA LYS A 41 11.69 12.55 2.24
C LYS A 41 11.04 13.74 1.56
N PRO A 42 11.70 14.91 1.61
CA PRO A 42 11.20 16.14 1.00
C PRO A 42 11.23 16.09 -0.53
N SER A 43 11.80 15.01 -1.06
CA SER A 43 11.90 14.85 -2.50
C SER A 43 10.65 15.35 -3.20
N GLY A 44 9.51 14.76 -2.88
CA GLY A 44 8.25 15.17 -3.48
C GLY A 44 8.22 14.91 -4.98
N PRO A 45 7.10 15.27 -5.62
CA PRO A 45 6.91 15.09 -7.06
C PRO A 45 7.80 16.01 -7.88
N SER A 46 9.02 15.56 -8.16
CA SER A 46 9.98 16.35 -8.93
C SER A 46 9.28 17.04 -10.10
N SER A 47 8.73 16.24 -11.01
CA SER A 47 8.05 16.78 -12.18
C SER A 47 6.99 17.81 -11.77
N GLY A 48 6.10 17.40 -10.86
CA GLY A 48 5.05 18.30 -10.40
C GLY A 48 4.82 18.18 -8.90
ZN ZN B . -0.10 5.08 0.52
N GLY A 1 -20.63 4.46 0.76
CA GLY A 1 -22.06 4.47 1.00
C GLY A 1 -22.60 3.12 1.41
N SER A 2 -23.18 3.06 2.61
CA SER A 2 -23.73 1.82 3.12
C SER A 2 -22.80 0.65 2.83
N SER A 3 -21.51 0.87 3.02
CA SER A 3 -20.51 -0.17 2.77
C SER A 3 -20.46 -1.16 3.92
N GLY A 4 -21.17 -2.27 3.75
CA GLY A 4 -21.20 -3.30 4.79
C GLY A 4 -20.17 -4.39 4.56
N SER A 5 -20.45 -5.59 5.05
CA SER A 5 -19.55 -6.71 4.90
C SER A 5 -20.25 -7.90 4.24
N SER A 6 -19.95 -8.13 2.97
CA SER A 6 -20.55 -9.24 2.23
C SER A 6 -20.26 -10.57 2.91
N GLY A 7 -19.01 -10.76 3.32
CA GLY A 7 -18.62 -11.99 3.98
C GLY A 7 -17.20 -11.93 4.53
N THR A 8 -16.36 -12.85 4.09
CA THR A 8 -14.98 -12.91 4.55
C THR A 8 -14.03 -12.38 3.49
N GLY A 9 -13.16 -11.45 3.89
CA GLY A 9 -12.21 -10.88 2.95
C GLY A 9 -11.88 -9.44 3.26
N GLU A 10 -10.76 -9.21 3.93
CA GLU A 10 -10.34 -7.86 4.29
C GLU A 10 -8.89 -7.60 3.86
N LYS A 11 -8.51 -6.33 3.87
CA LYS A 11 -7.15 -5.95 3.48
C LYS A 11 -6.33 -5.54 4.70
N PRO A 12 -5.59 -6.51 5.27
CA PRO A 12 -4.74 -6.27 6.44
C PRO A 12 -3.54 -5.40 6.12
N PHE A 13 -3.04 -5.51 4.90
CA PHE A 13 -1.88 -4.73 4.46
C PHE A 13 -2.27 -3.27 4.24
N ALA A 14 -2.06 -2.45 5.27
CA ALA A 14 -2.39 -1.03 5.20
C ALA A 14 -1.12 -0.20 4.97
N CYS A 15 -1.27 0.90 4.25
CA CYS A 15 -0.15 1.79 3.96
C CYS A 15 0.36 2.45 5.23
N THR A 16 1.67 2.66 5.31
CA THR A 16 2.28 3.28 6.47
C THR A 16 2.36 4.80 6.31
N TRP A 17 2.42 5.25 5.06
CA TRP A 17 2.50 6.68 4.76
C TRP A 17 1.45 7.45 5.55
N PRO A 18 1.84 8.63 6.06
CA PRO A 18 0.95 9.49 6.85
C PRO A 18 -0.16 10.11 5.99
N GLY A 19 -1.37 10.12 6.51
CA GLY A 19 -2.49 10.69 5.78
C GLY A 19 -3.10 9.71 4.80
N CYS A 20 -2.26 8.88 4.19
CA CYS A 20 -2.73 7.89 3.22
C CYS A 20 -3.60 6.84 3.90
N GLY A 21 -4.45 6.20 3.11
CA GLY A 21 -5.34 5.18 3.66
C GLY A 21 -5.62 4.06 2.66
N TRP A 22 -4.56 3.59 1.99
CA TRP A 22 -4.70 2.53 1.01
C TRP A 22 -4.37 1.17 1.62
N ARG A 23 -5.26 0.20 1.43
CA ARG A 23 -5.06 -1.14 1.96
C ARG A 23 -5.05 -2.17 0.84
N PHE A 24 -4.55 -3.37 1.16
CA PHE A 24 -4.50 -4.45 0.18
C PHE A 24 -4.62 -5.81 0.86
N SER A 25 -5.15 -6.79 0.12
CA SER A 25 -5.34 -8.13 0.66
C SER A 25 -4.00 -8.86 0.74
N ARG A 26 -3.15 -8.63 -0.26
CA ARG A 26 -1.84 -9.28 -0.31
C ARG A 26 -0.72 -8.27 -0.03
N SER A 27 0.46 -8.77 0.30
CA SER A 27 1.60 -7.92 0.60
C SER A 27 2.07 -7.20 -0.66
N ASP A 28 2.41 -7.97 -1.69
CA ASP A 28 2.88 -7.40 -2.95
C ASP A 28 1.96 -6.27 -3.41
N GLU A 29 0.66 -6.45 -3.20
CA GLU A 29 -0.32 -5.44 -3.60
C GLU A 29 -0.08 -4.13 -2.86
N LEU A 30 0.41 -4.23 -1.63
CA LEU A 30 0.68 -3.05 -0.82
C LEU A 30 2.06 -2.47 -1.13
N SER A 31 3.06 -3.35 -1.19
CA SER A 31 4.42 -2.92 -1.49
C SER A 31 4.47 -2.12 -2.79
N ARG A 32 3.78 -2.63 -3.80
CA ARG A 32 3.75 -1.97 -5.11
C ARG A 32 3.20 -0.55 -4.99
N HIS A 33 2.22 -0.38 -4.10
CA HIS A 33 1.61 0.93 -3.88
C HIS A 33 2.59 1.89 -3.19
N ARG A 34 3.29 1.38 -2.18
CA ARG A 34 4.25 2.18 -1.44
C ARG A 34 5.13 2.99 -2.39
N ARG A 35 5.32 2.48 -3.60
CA ARG A 35 6.14 3.14 -4.59
C ARG A 35 5.67 4.58 -4.80
N SER A 36 4.36 4.77 -4.88
CA SER A 36 3.78 6.10 -5.08
C SER A 36 4.41 7.10 -4.13
N HIS A 37 4.75 6.64 -2.92
CA HIS A 37 5.36 7.50 -1.91
C HIS A 37 6.87 7.43 -1.97
N SER A 38 7.54 8.32 -1.25
CA SER A 38 9.00 8.35 -1.22
C SER A 38 9.54 7.45 -0.11
N GLY A 39 9.04 6.21 -0.06
CA GLY A 39 9.49 5.27 0.94
C GLY A 39 10.98 5.04 0.90
N VAL A 40 11.43 4.26 -0.08
CA VAL A 40 12.86 3.97 -0.23
C VAL A 40 13.40 4.52 -1.55
N LYS A 41 14.65 4.96 -1.51
CA LYS A 41 15.30 5.52 -2.70
C LYS A 41 15.73 4.40 -3.65
N PRO A 42 15.62 4.67 -4.96
CA PRO A 42 15.99 3.70 -6.01
C PRO A 42 17.51 3.49 -6.07
N SER A 43 17.97 2.40 -5.47
CA SER A 43 19.40 2.09 -5.47
C SER A 43 19.72 1.01 -6.49
N GLY A 44 19.85 1.42 -7.76
CA GLY A 44 20.16 0.47 -8.81
C GLY A 44 19.61 0.91 -10.16
N PRO A 45 20.35 0.60 -11.23
CA PRO A 45 19.96 0.96 -12.59
C PRO A 45 18.74 0.16 -13.07
N SER A 46 17.64 0.87 -13.31
CA SER A 46 16.41 0.25 -13.76
C SER A 46 15.37 1.30 -14.16
N SER A 47 14.29 0.84 -14.80
CA SER A 47 13.24 1.74 -15.23
C SER A 47 11.88 1.04 -15.18
N GLY A 48 10.85 1.80 -14.80
CA GLY A 48 9.51 1.24 -14.72
C GLY A 48 8.43 2.31 -14.73
ZN ZN B . -0.03 5.00 0.53
N GLY A 1 -20.52 5.63 -6.13
CA GLY A 1 -19.78 5.94 -7.34
C GLY A 1 -19.15 4.70 -7.97
N SER A 2 -19.39 4.52 -9.26
CA SER A 2 -18.86 3.36 -9.98
C SER A 2 -17.37 3.19 -9.68
N SER A 3 -16.98 1.95 -9.39
CA SER A 3 -15.59 1.65 -9.07
C SER A 3 -15.08 0.51 -9.96
N GLY A 4 -15.89 -0.53 -10.11
CA GLY A 4 -15.50 -1.66 -10.93
C GLY A 4 -14.98 -2.83 -10.10
N SER A 5 -13.66 -2.90 -9.95
CA SER A 5 -13.04 -3.97 -9.18
C SER A 5 -13.55 -3.97 -7.74
N SER A 6 -14.54 -4.80 -7.48
CA SER A 6 -15.12 -4.89 -6.14
C SER A 6 -14.04 -5.24 -5.10
N GLY A 7 -13.21 -6.23 -5.43
CA GLY A 7 -12.16 -6.64 -4.53
C GLY A 7 -12.70 -7.25 -3.24
N THR A 8 -13.72 -8.09 -3.37
CA THR A 8 -14.33 -8.73 -2.21
C THR A 8 -13.26 -9.33 -1.30
N GLY A 9 -13.40 -9.07 0.00
CA GLY A 9 -12.44 -9.59 0.96
C GLY A 9 -11.84 -8.50 1.82
N GLU A 10 -11.19 -8.90 2.91
CA GLU A 10 -10.56 -7.96 3.82
C GLU A 10 -9.13 -7.66 3.41
N LYS A 11 -8.65 -6.47 3.76
CA LYS A 11 -7.29 -6.07 3.42
C LYS A 11 -6.53 -5.61 4.66
N PRO A 12 -5.80 -6.56 5.28
CA PRO A 12 -5.01 -6.28 6.49
C PRO A 12 -3.81 -5.38 6.20
N PHE A 13 -3.24 -5.53 5.02
CA PHE A 13 -2.08 -4.73 4.62
C PHE A 13 -2.47 -3.27 4.41
N ALA A 14 -2.10 -2.42 5.37
CA ALA A 14 -2.41 -1.00 5.30
C ALA A 14 -1.15 -0.19 5.05
N CYS A 15 -1.30 0.90 4.29
CA CYS A 15 -0.17 1.77 3.99
C CYS A 15 0.39 2.40 5.25
N THR A 16 1.69 2.69 5.23
CA THR A 16 2.35 3.30 6.38
C THR A 16 2.41 4.82 6.25
N TRP A 17 2.50 5.29 5.01
CA TRP A 17 2.56 6.73 4.75
C TRP A 17 1.48 7.48 5.54
N PRO A 18 1.84 8.64 6.07
CA PRO A 18 0.93 9.48 6.86
C PRO A 18 -0.17 10.09 6.01
N GLY A 19 -1.40 10.10 6.53
CA GLY A 19 -2.52 10.66 5.80
C GLY A 19 -3.12 9.68 4.82
N CYS A 20 -2.27 8.89 4.17
CA CYS A 20 -2.74 7.91 3.20
C CYS A 20 -3.59 6.84 3.87
N GLY A 21 -4.44 6.18 3.08
CA GLY A 21 -5.30 5.14 3.62
C GLY A 21 -5.54 4.02 2.63
N TRP A 22 -4.49 3.61 1.94
CA TRP A 22 -4.60 2.54 0.95
C TRP A 22 -4.29 1.19 1.57
N ARG A 23 -5.19 0.23 1.38
CA ARG A 23 -5.01 -1.11 1.94
C ARG A 23 -4.97 -2.15 0.82
N PHE A 24 -4.56 -3.37 1.17
CA PHE A 24 -4.47 -4.46 0.21
C PHE A 24 -4.60 -5.81 0.89
N SER A 25 -5.16 -6.78 0.18
CA SER A 25 -5.35 -8.12 0.71
C SER A 25 -4.03 -8.90 0.71
N ARG A 26 -3.14 -8.54 -0.21
CA ARG A 26 -1.85 -9.20 -0.32
C ARG A 26 -0.72 -8.22 -0.04
N SER A 27 0.47 -8.77 0.25
CA SER A 27 1.64 -7.94 0.54
C SER A 27 2.12 -7.22 -0.71
N ASP A 28 2.44 -7.98 -1.74
CA ASP A 28 2.91 -7.41 -3.00
C ASP A 28 2.00 -6.27 -3.46
N GLU A 29 0.69 -6.47 -3.30
CA GLU A 29 -0.28 -5.46 -3.70
C GLU A 29 -0.06 -4.16 -2.92
N LEU A 30 0.39 -4.28 -1.68
CA LEU A 30 0.63 -3.12 -0.83
C LEU A 30 2.00 -2.53 -1.12
N SER A 31 3.01 -3.39 -1.22
CA SER A 31 4.37 -2.95 -1.49
C SER A 31 4.44 -2.15 -2.80
N ARG A 32 3.80 -2.67 -3.84
CA ARG A 32 3.79 -2.02 -5.13
C ARG A 32 3.20 -0.62 -5.03
N HIS A 33 2.29 -0.43 -4.07
CA HIS A 33 1.65 0.86 -3.87
C HIS A 33 2.61 1.84 -3.19
N ARG A 34 3.28 1.38 -2.13
CA ARG A 34 4.23 2.22 -1.41
C ARG A 34 5.09 3.04 -2.36
N ARG A 35 5.31 2.49 -3.56
CA ARG A 35 6.12 3.17 -4.57
C ARG A 35 5.66 4.61 -4.76
N SER A 36 4.36 4.80 -4.89
CA SER A 36 3.78 6.12 -5.08
C SER A 36 4.41 7.13 -4.11
N HIS A 37 4.65 6.68 -2.88
CA HIS A 37 5.25 7.54 -1.86
C HIS A 37 6.78 7.46 -1.92
N SER A 38 7.43 8.59 -1.71
CA SER A 38 8.89 8.65 -1.74
C SER A 38 9.48 7.96 -0.51
N GLY A 39 9.11 8.45 0.67
CA GLY A 39 9.61 7.86 1.90
C GLY A 39 10.96 8.43 2.31
N VAL A 40 12.00 7.60 2.26
CA VAL A 40 13.33 8.03 2.62
C VAL A 40 14.26 8.05 1.41
N LYS A 41 15.19 9.01 1.39
CA LYS A 41 16.12 9.14 0.29
C LYS A 41 16.90 7.84 0.08
N PRO A 42 17.15 7.50 -1.19
CA PRO A 42 17.88 6.28 -1.56
C PRO A 42 19.36 6.36 -1.18
N SER A 43 20.02 7.44 -1.60
CA SER A 43 21.43 7.63 -1.31
C SER A 43 21.91 9.00 -1.80
N GLY A 44 23.04 9.45 -1.27
CA GLY A 44 23.58 10.74 -1.66
C GLY A 44 22.91 11.89 -0.94
N PRO A 45 23.59 13.05 -0.89
CA PRO A 45 23.07 14.25 -0.23
C PRO A 45 21.90 14.87 -0.98
N SER A 46 20.69 14.39 -0.67
CA SER A 46 19.49 14.90 -1.32
C SER A 46 19.71 15.06 -2.82
N SER A 47 20.34 14.05 -3.44
CA SER A 47 20.63 14.09 -4.87
C SER A 47 19.58 13.29 -5.63
N GLY A 48 19.11 13.84 -6.75
CA GLY A 48 18.12 13.16 -7.56
C GLY A 48 18.36 11.67 -7.63
ZN ZN B . -0.09 4.85 0.61
N GLY A 1 -18.60 6.40 -1.90
CA GLY A 1 -17.23 6.90 -1.95
C GLY A 1 -16.23 5.80 -2.25
N SER A 2 -16.26 4.75 -1.45
CA SER A 2 -15.34 3.63 -1.62
C SER A 2 -16.07 2.41 -2.16
N SER A 3 -15.42 1.68 -3.07
CA SER A 3 -16.01 0.50 -3.68
C SER A 3 -16.81 -0.29 -2.64
N GLY A 4 -17.85 -0.98 -3.10
CA GLY A 4 -18.69 -1.76 -2.21
C GLY A 4 -18.89 -3.18 -2.70
N SER A 5 -17.82 -3.97 -2.69
CA SER A 5 -17.89 -5.36 -3.14
C SER A 5 -18.27 -6.28 -2.00
N SER A 6 -19.52 -6.72 -1.99
CA SER A 6 -20.01 -7.61 -0.94
C SER A 6 -19.27 -8.95 -0.97
N GLY A 7 -18.70 -9.33 0.17
CA GLY A 7 -17.97 -10.59 0.24
C GLY A 7 -16.90 -10.57 1.31
N THR A 8 -16.09 -11.61 1.36
CA THR A 8 -15.02 -11.73 2.34
C THR A 8 -13.66 -11.42 1.73
N GLY A 9 -12.67 -11.16 2.57
CA GLY A 9 -11.34 -10.86 2.08
C GLY A 9 -10.85 -9.51 2.56
N GLU A 10 -10.78 -9.32 3.87
CA GLU A 10 -10.32 -8.06 4.44
C GLU A 10 -8.89 -7.75 4.00
N LYS A 11 -8.55 -6.47 3.99
CA LYS A 11 -7.22 -6.05 3.58
C LYS A 11 -6.39 -5.64 4.80
N PRO A 12 -5.62 -6.60 5.34
CA PRO A 12 -4.77 -6.36 6.51
C PRO A 12 -3.58 -5.45 6.19
N PHE A 13 -3.10 -5.52 4.95
CA PHE A 13 -1.97 -4.71 4.52
C PHE A 13 -2.39 -3.25 4.35
N ALA A 14 -2.01 -2.42 5.32
CA ALA A 14 -2.34 -1.00 5.28
C ALA A 14 -1.09 -0.16 5.06
N CYS A 15 -1.21 0.89 4.24
CA CYS A 15 -0.09 1.77 3.95
C CYS A 15 0.42 2.42 5.23
N THR A 16 1.73 2.69 5.25
CA THR A 16 2.36 3.31 6.42
C THR A 16 2.40 4.83 6.27
N TRP A 17 2.51 5.30 5.03
CA TRP A 17 2.56 6.73 4.75
C TRP A 17 1.48 7.47 5.51
N PRO A 18 1.82 8.65 6.04
CA PRO A 18 0.88 9.49 6.80
C PRO A 18 -0.21 10.09 5.92
N GLY A 19 -1.43 10.16 6.45
CA GLY A 19 -2.53 10.71 5.70
C GLY A 19 -3.14 9.71 4.72
N CYS A 20 -2.29 8.88 4.13
CA CYS A 20 -2.74 7.88 3.18
C CYS A 20 -3.58 6.81 3.87
N GLY A 21 -4.47 6.17 3.11
CA GLY A 21 -5.32 5.14 3.67
C GLY A 21 -5.59 4.01 2.69
N TRP A 22 -4.55 3.60 1.97
CA TRP A 22 -4.69 2.53 0.99
C TRP A 22 -4.35 1.18 1.61
N ARG A 23 -5.24 0.22 1.44
CA ARG A 23 -5.03 -1.12 1.99
C ARG A 23 -5.04 -2.18 0.87
N PHE A 24 -4.58 -3.37 1.20
CA PHE A 24 -4.54 -4.46 0.23
C PHE A 24 -4.64 -5.82 0.93
N SER A 25 -5.18 -6.80 0.22
CA SER A 25 -5.35 -8.14 0.76
C SER A 25 -4.05 -8.93 0.69
N ARG A 26 -3.17 -8.52 -0.22
CA ARG A 26 -1.88 -9.19 -0.40
C ARG A 26 -0.74 -8.21 -0.16
N SER A 27 0.41 -8.75 0.24
CA SER A 27 1.59 -7.94 0.50
C SER A 27 2.04 -7.21 -0.76
N ASP A 28 2.45 -7.99 -1.76
CA ASP A 28 2.91 -7.42 -3.03
C ASP A 28 2.02 -6.26 -3.46
N GLU A 29 0.71 -6.43 -3.30
CA GLU A 29 -0.25 -5.40 -3.68
C GLU A 29 0.02 -4.11 -2.91
N LEU A 30 0.36 -4.24 -1.63
CA LEU A 30 0.64 -3.08 -0.79
C LEU A 30 2.03 -2.51 -1.09
N SER A 31 3.00 -3.41 -1.26
CA SER A 31 4.37 -3.00 -1.54
C SER A 31 4.44 -2.18 -2.82
N ARG A 32 3.78 -2.68 -3.87
CA ARG A 32 3.77 -1.99 -5.16
C ARG A 32 3.19 -0.59 -5.02
N HIS A 33 2.30 -0.41 -4.04
CA HIS A 33 1.67 0.88 -3.80
C HIS A 33 2.64 1.85 -3.12
N ARG A 34 3.33 1.36 -2.09
CA ARG A 34 4.29 2.17 -1.36
C ARG A 34 5.15 3.00 -2.32
N ARG A 35 5.36 2.47 -3.53
CA ARG A 35 6.15 3.16 -4.53
C ARG A 35 5.66 4.59 -4.73
N SER A 36 4.35 4.74 -4.81
CA SER A 36 3.75 6.06 -5.02
C SER A 36 4.37 7.09 -4.08
N HIS A 37 4.66 6.67 -2.86
CA HIS A 37 5.25 7.55 -1.86
C HIS A 37 6.78 7.44 -1.88
N SER A 38 7.44 8.39 -1.23
CA SER A 38 8.90 8.40 -1.17
C SER A 38 9.39 7.86 0.16
N GLY A 39 10.66 7.44 0.19
CA GLY A 39 11.23 6.90 1.41
C GLY A 39 11.72 7.99 2.35
N VAL A 40 12.98 7.91 2.75
CA VAL A 40 13.56 8.90 3.65
C VAL A 40 13.34 10.31 3.13
N LYS A 41 12.98 11.22 4.03
CA LYS A 41 12.75 12.62 3.66
C LYS A 41 13.98 13.47 3.96
N PRO A 42 14.28 14.42 3.05
CA PRO A 42 15.42 15.31 3.18
C PRO A 42 15.23 16.33 4.31
N SER A 43 14.02 16.39 4.84
CA SER A 43 13.70 17.31 5.93
C SER A 43 14.90 17.49 6.86
N GLY A 44 15.16 18.73 7.25
CA GLY A 44 16.28 19.01 8.14
C GLY A 44 16.11 18.38 9.50
N PRO A 45 15.03 18.77 10.21
CA PRO A 45 14.73 18.26 11.54
C PRO A 45 14.30 16.80 11.52
N SER A 46 14.30 16.20 10.32
CA SER A 46 13.91 14.81 10.17
C SER A 46 14.56 13.93 11.24
N SER A 47 13.83 13.72 12.32
CA SER A 47 14.33 12.90 13.43
C SER A 47 14.16 11.41 13.12
N GLY A 48 12.93 11.01 12.84
CA GLY A 48 12.66 9.62 12.54
C GLY A 48 12.00 8.89 13.69
ZN ZN B . 0.00 4.97 0.64
N GLY A 1 -12.42 -24.54 3.54
CA GLY A 1 -13.13 -23.46 4.21
C GLY A 1 -14.62 -23.49 3.92
N SER A 2 -15.25 -22.32 3.94
CA SER A 2 -16.67 -22.21 3.68
C SER A 2 -16.93 -21.59 2.31
N SER A 3 -18.12 -21.87 1.76
CA SER A 3 -18.50 -21.34 0.45
C SER A 3 -19.59 -20.29 0.58
N GLY A 4 -20.64 -20.62 1.34
CA GLY A 4 -21.74 -19.70 1.53
C GLY A 4 -21.30 -18.39 2.14
N SER A 5 -20.85 -18.45 3.39
CA SER A 5 -20.40 -17.25 4.09
C SER A 5 -19.17 -16.65 3.42
N SER A 6 -19.41 -15.88 2.37
CA SER A 6 -18.32 -15.24 1.63
C SER A 6 -18.38 -13.73 1.77
N GLY A 7 -17.22 -13.08 1.75
CA GLY A 7 -17.17 -11.64 1.87
C GLY A 7 -16.29 -11.00 0.80
N THR A 8 -16.16 -9.68 0.86
CA THR A 8 -15.36 -8.95 -0.11
C THR A 8 -13.87 -9.31 0.03
N GLY A 9 -13.40 -9.37 1.27
CA GLY A 9 -12.01 -9.70 1.52
C GLY A 9 -11.29 -8.64 2.32
N GLU A 10 -11.00 -8.94 3.57
CA GLU A 10 -10.32 -8.00 4.45
C GLU A 10 -8.90 -7.71 3.93
N LYS A 11 -8.44 -6.48 4.18
CA LYS A 11 -7.10 -6.08 3.74
C LYS A 11 -6.25 -5.66 4.93
N PRO A 12 -5.48 -6.61 5.47
CA PRO A 12 -4.59 -6.36 6.62
C PRO A 12 -3.41 -5.46 6.25
N PHE A 13 -2.99 -5.53 5.00
CA PHE A 13 -1.87 -4.73 4.52
C PHE A 13 -2.28 -3.28 4.33
N ALA A 14 -1.97 -2.44 5.31
CA ALA A 14 -2.31 -1.02 5.24
C ALA A 14 -1.07 -0.17 4.99
N CYS A 15 -1.25 0.91 4.24
CA CYS A 15 -0.14 1.81 3.93
C CYS A 15 0.45 2.42 5.19
N THR A 16 1.75 2.69 5.17
CA THR A 16 2.43 3.29 6.31
C THR A 16 2.47 4.80 6.20
N TRP A 17 2.54 5.30 4.97
CA TRP A 17 2.59 6.74 4.73
C TRP A 17 1.48 7.45 5.51
N PRO A 18 1.82 8.63 6.06
CA PRO A 18 0.87 9.44 6.83
C PRO A 18 -0.22 10.05 5.95
N GLY A 19 -1.45 10.07 6.47
CA GLY A 19 -2.55 10.63 5.72
C GLY A 19 -3.16 9.64 4.75
N CYS A 20 -2.31 8.88 4.07
CA CYS A 20 -2.77 7.87 3.11
C CYS A 20 -3.60 6.80 3.81
N GLY A 21 -4.53 6.22 3.06
CA GLY A 21 -5.38 5.17 3.61
C GLY A 21 -5.63 4.05 2.64
N TRP A 22 -4.58 3.61 1.94
CA TRP A 22 -4.69 2.53 0.97
C TRP A 22 -4.37 1.18 1.61
N ARG A 23 -5.25 0.22 1.41
CA ARG A 23 -5.05 -1.12 1.97
C ARG A 23 -5.07 -2.17 0.87
N PHE A 24 -4.59 -3.37 1.20
CA PHE A 24 -4.54 -4.47 0.23
C PHE A 24 -4.66 -5.82 0.95
N SER A 25 -5.21 -6.80 0.24
CA SER A 25 -5.37 -8.14 0.80
C SER A 25 -4.06 -8.90 0.77
N ARG A 26 -3.18 -8.54 -0.16
CA ARG A 26 -1.88 -9.19 -0.29
C ARG A 26 -0.75 -8.22 0.00
N SER A 27 0.43 -8.75 0.25
CA SER A 27 1.60 -7.93 0.56
C SER A 27 2.10 -7.22 -0.69
N ASP A 28 2.34 -7.98 -1.75
CA ASP A 28 2.83 -7.40 -3.01
C ASP A 28 1.96 -6.23 -3.44
N GLU A 29 0.64 -6.41 -3.33
CA GLU A 29 -0.29 -5.36 -3.73
C GLU A 29 -0.03 -4.08 -2.94
N LEU A 30 0.39 -4.23 -1.69
CA LEU A 30 0.68 -3.08 -0.84
C LEU A 30 2.06 -2.51 -1.14
N SER A 31 3.05 -3.40 -1.29
CA SER A 31 4.41 -2.99 -1.58
C SER A 31 4.47 -2.16 -2.87
N ARG A 32 3.78 -2.64 -3.89
CA ARG A 32 3.74 -1.96 -5.18
C ARG A 32 3.15 -0.55 -5.03
N HIS A 33 2.28 -0.39 -4.05
CA HIS A 33 1.65 0.91 -3.80
C HIS A 33 2.61 1.86 -3.11
N ARG A 34 3.30 1.36 -2.09
CA ARG A 34 4.27 2.17 -1.35
C ARG A 34 5.14 2.99 -2.29
N ARG A 35 5.34 2.47 -3.49
CA ARG A 35 6.16 3.15 -4.50
C ARG A 35 5.70 4.59 -4.69
N SER A 36 4.38 4.77 -4.79
CA SER A 36 3.81 6.10 -4.99
C SER A 36 4.42 7.11 -4.02
N HIS A 37 4.68 6.66 -2.79
CA HIS A 37 5.27 7.52 -1.78
C HIS A 37 6.79 7.37 -1.76
N SER A 38 7.47 8.38 -1.22
CA SER A 38 8.93 8.37 -1.14
C SER A 38 9.39 7.83 0.21
N GLY A 39 9.90 6.60 0.20
CA GLY A 39 10.37 5.98 1.42
C GLY A 39 11.85 5.63 1.36
N VAL A 40 12.19 4.43 1.84
CA VAL A 40 13.57 3.97 1.84
C VAL A 40 13.66 2.54 1.32
N LYS A 41 14.71 2.26 0.55
CA LYS A 41 14.92 0.93 0.00
C LYS A 41 16.41 0.59 -0.05
N PRO A 42 16.74 -0.66 0.29
CA PRO A 42 18.12 -1.14 0.30
C PRO A 42 18.71 -1.27 -1.10
N SER A 43 19.89 -1.86 -1.20
CA SER A 43 20.56 -2.04 -2.49
C SER A 43 19.73 -2.94 -3.40
N GLY A 44 19.45 -4.16 -2.93
CA GLY A 44 18.67 -5.10 -3.71
C GLY A 44 19.40 -6.41 -3.94
N PRO A 45 20.34 -6.41 -4.89
CA PRO A 45 21.14 -7.59 -5.22
C PRO A 45 22.12 -7.97 -4.12
N SER A 46 22.22 -7.11 -3.10
CA SER A 46 23.12 -7.35 -1.98
C SER A 46 24.42 -7.98 -2.45
N SER A 47 24.94 -7.48 -3.58
CA SER A 47 26.18 -8.00 -4.14
C SER A 47 27.23 -8.20 -3.06
N GLY A 48 27.39 -7.18 -2.21
CA GLY A 48 28.37 -7.27 -1.14
C GLY A 48 29.80 -7.38 -1.66
ZN ZN B . -0.11 5.00 0.59
N GLY A 1 -20.76 -14.52 -19.99
CA GLY A 1 -21.00 -13.46 -19.03
C GLY A 1 -20.56 -13.84 -17.63
N SER A 2 -19.55 -13.12 -17.12
CA SER A 2 -19.02 -13.39 -15.79
C SER A 2 -19.48 -12.32 -14.80
N SER A 3 -20.43 -12.68 -13.95
CA SER A 3 -20.96 -11.75 -12.96
C SER A 3 -20.26 -11.93 -11.62
N GLY A 4 -19.62 -10.87 -11.13
CA GLY A 4 -18.92 -10.94 -9.87
C GLY A 4 -17.94 -9.80 -9.69
N SER A 5 -16.97 -9.99 -8.80
CA SER A 5 -15.96 -8.96 -8.53
C SER A 5 -14.61 -9.60 -8.21
N SER A 6 -13.55 -8.84 -8.42
CA SER A 6 -12.20 -9.33 -8.17
C SER A 6 -11.65 -8.74 -6.87
N GLY A 7 -11.77 -9.51 -5.79
CA GLY A 7 -11.27 -9.05 -4.50
C GLY A 7 -12.39 -8.85 -3.50
N THR A 8 -12.58 -9.81 -2.61
CA THR A 8 -13.62 -9.72 -1.59
C THR A 8 -13.15 -10.31 -0.28
N GLY A 9 -13.45 -9.62 0.82
CA GLY A 9 -13.04 -10.08 2.14
C GLY A 9 -12.55 -8.97 3.03
N GLU A 10 -11.23 -8.78 3.04
CA GLU A 10 -10.62 -7.73 3.86
C GLU A 10 -9.18 -7.46 3.43
N LYS A 11 -8.68 -6.28 3.77
CA LYS A 11 -7.31 -5.91 3.42
C LYS A 11 -6.53 -5.48 4.65
N PRO A 12 -5.80 -6.43 5.25
CA PRO A 12 -5.00 -6.18 6.45
C PRO A 12 -3.79 -5.31 6.15
N PHE A 13 -3.25 -5.44 4.94
CA PHE A 13 -2.08 -4.67 4.53
C PHE A 13 -2.45 -3.20 4.32
N ALA A 14 -2.14 -2.37 5.31
CA ALA A 14 -2.43 -0.95 5.23
C ALA A 14 -1.16 -0.13 5.04
N CYS A 15 -1.19 0.80 4.10
CA CYS A 15 -0.04 1.65 3.82
C CYS A 15 0.52 2.26 5.11
N THR A 16 1.80 2.58 5.10
CA THR A 16 2.45 3.17 6.26
C THR A 16 2.47 4.69 6.17
N TRP A 17 2.61 5.20 4.95
CA TRP A 17 2.65 6.64 4.73
C TRP A 17 1.56 7.35 5.53
N PRO A 18 1.89 8.52 6.09
CA PRO A 18 0.95 9.32 6.88
C PRO A 18 -0.16 9.92 6.02
N GLY A 19 -1.37 9.92 6.56
CA GLY A 19 -2.50 10.48 5.84
C GLY A 19 -3.11 9.48 4.86
N CYS A 20 -2.25 8.76 4.15
CA CYS A 20 -2.71 7.78 3.18
C CYS A 20 -3.59 6.72 3.84
N GLY A 21 -4.53 6.18 3.07
CA GLY A 21 -5.43 5.17 3.60
C GLY A 21 -5.69 4.04 2.61
N TRP A 22 -4.63 3.60 1.94
CA TRP A 22 -4.75 2.53 0.96
C TRP A 22 -4.43 1.18 1.60
N ARG A 23 -5.33 0.22 1.41
CA ARG A 23 -5.14 -1.12 1.96
C ARG A 23 -5.17 -2.18 0.85
N PHE A 24 -4.60 -3.34 1.14
CA PHE A 24 -4.54 -4.42 0.18
C PHE A 24 -4.68 -5.77 0.87
N SER A 25 -5.21 -6.75 0.14
CA SER A 25 -5.40 -8.09 0.68
C SER A 25 -4.07 -8.84 0.80
N ARG A 26 -3.17 -8.58 -0.15
CA ARG A 26 -1.86 -9.22 -0.15
C ARG A 26 -0.76 -8.21 0.16
N SER A 27 0.45 -8.71 0.39
CA SER A 27 1.58 -7.86 0.70
C SER A 27 2.08 -7.13 -0.53
N ASP A 28 2.45 -7.91 -1.55
CA ASP A 28 2.94 -7.34 -2.80
C ASP A 28 2.04 -6.21 -3.29
N GLU A 29 0.74 -6.44 -3.23
CA GLU A 29 -0.23 -5.43 -3.66
C GLU A 29 -0.04 -4.13 -2.91
N LEU A 30 0.40 -4.22 -1.66
CA LEU A 30 0.64 -3.05 -0.84
C LEU A 30 2.02 -2.46 -1.10
N SER A 31 3.01 -3.33 -1.22
CA SER A 31 4.38 -2.90 -1.47
C SER A 31 4.47 -2.10 -2.77
N ARG A 32 3.85 -2.63 -3.82
CA ARG A 32 3.86 -1.97 -5.12
C ARG A 32 3.27 -0.57 -5.02
N HIS A 33 2.35 -0.38 -4.08
CA HIS A 33 1.70 0.91 -3.88
C HIS A 33 2.66 1.89 -3.20
N ARG A 34 3.33 1.43 -2.16
CA ARG A 34 4.27 2.26 -1.43
C ARG A 34 5.13 3.09 -2.39
N ARG A 35 5.35 2.56 -3.58
CA ARG A 35 6.16 3.25 -4.58
C ARG A 35 5.67 4.68 -4.79
N SER A 36 4.35 4.82 -4.90
CA SER A 36 3.75 6.14 -5.10
C SER A 36 4.38 7.18 -4.17
N HIS A 37 4.65 6.77 -2.94
CA HIS A 37 5.26 7.65 -1.95
C HIS A 37 6.79 7.58 -2.01
N SER A 38 7.44 8.67 -1.65
CA SER A 38 8.90 8.72 -1.66
C SER A 38 9.48 8.26 -0.33
N GLY A 39 9.11 7.03 0.06
CA GLY A 39 9.61 6.48 1.31
C GLY A 39 9.27 7.36 2.50
N VAL A 40 9.38 6.80 3.70
CA VAL A 40 9.09 7.54 4.92
C VAL A 40 10.37 8.07 5.56
N LYS A 41 11.18 8.77 4.77
CA LYS A 41 12.43 9.32 5.27
C LYS A 41 12.89 10.49 4.39
N PRO A 42 13.49 11.50 5.02
CA PRO A 42 13.99 12.69 4.31
C PRO A 42 15.21 12.37 3.45
N SER A 43 16.17 11.65 4.02
CA SER A 43 17.38 11.29 3.31
C SER A 43 17.13 10.12 2.36
N GLY A 44 18.03 9.94 1.40
CA GLY A 44 17.89 8.86 0.44
C GLY A 44 19.00 8.83 -0.58
N PRO A 45 20.21 8.46 -0.13
CA PRO A 45 21.38 8.39 -1.00
C PRO A 45 21.31 7.25 -2.00
N SER A 46 21.99 7.40 -3.13
CA SER A 46 21.99 6.38 -4.17
C SER A 46 23.03 5.31 -3.88
N SER A 47 22.58 4.19 -3.33
CA SER A 47 23.46 3.09 -3.00
C SER A 47 22.69 1.78 -2.89
N GLY A 48 23.41 0.65 -3.02
CA GLY A 48 22.78 -0.65 -2.93
C GLY A 48 23.50 -1.57 -1.98
ZN ZN B . 0.01 4.95 0.61
N GLY A 1 -22.55 -0.94 7.20
CA GLY A 1 -23.34 -2.13 6.98
C GLY A 1 -22.90 -2.89 5.74
N SER A 2 -23.85 -3.16 4.86
CA SER A 2 -23.57 -3.89 3.62
C SER A 2 -22.84 -5.20 3.93
N SER A 3 -23.28 -5.89 4.96
CA SER A 3 -22.68 -7.16 5.35
C SER A 3 -22.46 -8.06 4.14
N GLY A 4 -21.25 -8.59 4.02
CA GLY A 4 -20.93 -9.46 2.90
C GLY A 4 -20.22 -10.72 3.34
N SER A 5 -18.91 -10.61 3.58
CA SER A 5 -18.12 -11.76 4.00
C SER A 5 -18.29 -12.02 5.50
N SER A 6 -18.46 -13.28 5.86
CA SER A 6 -18.63 -13.66 7.26
C SER A 6 -17.60 -14.70 7.66
N GLY A 7 -16.37 -14.52 7.22
CA GLY A 7 -15.30 -15.45 7.55
C GLY A 7 -13.93 -14.90 7.24
N THR A 8 -13.55 -14.96 5.96
CA THR A 8 -12.25 -14.46 5.53
C THR A 8 -12.39 -13.46 4.39
N GLY A 9 -12.21 -12.18 4.71
CA GLY A 9 -12.32 -11.14 3.70
C GLY A 9 -11.95 -9.77 4.23
N GLU A 10 -10.65 -9.47 4.24
CA GLU A 10 -10.18 -8.18 4.74
C GLU A 10 -8.77 -7.90 4.21
N LYS A 11 -8.36 -6.63 4.31
CA LYS A 11 -7.04 -6.23 3.84
C LYS A 11 -6.17 -5.79 5.02
N PRO A 12 -5.38 -6.73 5.55
CA PRO A 12 -4.49 -6.46 6.68
C PRO A 12 -3.31 -5.56 6.29
N PHE A 13 -2.94 -5.59 5.02
CA PHE A 13 -1.85 -4.78 4.52
C PHE A 13 -2.29 -3.34 4.28
N ALA A 14 -2.02 -2.48 5.24
CA ALA A 14 -2.39 -1.07 5.14
C ALA A 14 -1.16 -0.19 4.97
N CYS A 15 -1.29 0.87 4.17
CA CYS A 15 -0.19 1.79 3.93
C CYS A 15 0.28 2.43 5.23
N THR A 16 1.59 2.66 5.32
CA THR A 16 2.17 3.28 6.51
C THR A 16 2.29 4.78 6.35
N TRP A 17 2.39 5.24 5.10
CA TRP A 17 2.51 6.67 4.83
C TRP A 17 1.43 7.45 5.55
N PRO A 18 1.82 8.62 6.09
CA PRO A 18 0.90 9.50 6.83
C PRO A 18 -0.14 10.15 5.92
N GLY A 19 -1.38 10.20 6.39
CA GLY A 19 -2.45 10.79 5.61
C GLY A 19 -3.06 9.81 4.62
N CYS A 20 -2.23 8.92 4.09
CA CYS A 20 -2.69 7.93 3.13
C CYS A 20 -3.52 6.85 3.81
N GLY A 21 -4.42 6.23 3.05
CA GLY A 21 -5.27 5.19 3.60
C GLY A 21 -5.53 4.07 2.60
N TRP A 22 -4.48 3.58 1.98
CA TRP A 22 -4.60 2.50 1.00
C TRP A 22 -4.28 1.15 1.64
N ARG A 23 -5.19 0.19 1.46
CA ARG A 23 -5.02 -1.14 2.01
C ARG A 23 -5.02 -2.20 0.91
N PHE A 24 -4.55 -3.40 1.24
CA PHE A 24 -4.52 -4.49 0.27
C PHE A 24 -4.63 -5.84 0.98
N SER A 25 -5.19 -6.82 0.28
CA SER A 25 -5.37 -8.15 0.84
C SER A 25 -4.06 -8.94 0.77
N ARG A 26 -3.15 -8.51 -0.10
CA ARG A 26 -1.87 -9.18 -0.26
C ARG A 26 -0.71 -8.21 -0.01
N SER A 27 0.47 -8.75 0.23
CA SER A 27 1.65 -7.93 0.49
C SER A 27 2.09 -7.22 -0.78
N ASP A 28 2.49 -7.99 -1.79
CA ASP A 28 2.94 -7.43 -3.05
C ASP A 28 2.03 -6.29 -3.50
N GLU A 29 0.72 -6.47 -3.32
CA GLU A 29 -0.25 -5.46 -3.71
C GLU A 29 0.01 -4.15 -2.96
N LEU A 30 0.36 -4.26 -1.69
CA LEU A 30 0.63 -3.08 -0.86
C LEU A 30 2.00 -2.51 -1.18
N SER A 31 2.99 -3.39 -1.27
CA SER A 31 4.36 -2.98 -1.56
C SER A 31 4.42 -2.16 -2.85
N ARG A 32 3.72 -2.65 -3.88
CA ARG A 32 3.69 -1.96 -5.17
C ARG A 32 3.15 -0.55 -5.03
N HIS A 33 2.20 -0.37 -4.10
CA HIS A 33 1.58 0.93 -3.86
C HIS A 33 2.58 1.87 -3.18
N ARG A 34 3.25 1.38 -2.15
CA ARG A 34 4.21 2.17 -1.40
C ARG A 34 5.07 3.01 -2.36
N ARG A 35 5.27 2.49 -3.57
CA ARG A 35 6.08 3.20 -4.57
C ARG A 35 5.62 4.64 -4.71
N SER A 36 4.30 4.84 -4.77
CA SER A 36 3.74 6.17 -4.91
C SER A 36 4.40 7.16 -3.95
N HIS A 37 4.79 6.65 -2.77
CA HIS A 37 5.44 7.48 -1.76
C HIS A 37 6.95 7.29 -1.79
N SER A 38 7.68 8.19 -1.13
CA SER A 38 9.13 8.13 -1.09
C SER A 38 9.61 7.75 0.31
N GLY A 39 10.88 7.39 0.41
CA GLY A 39 11.46 7.01 1.70
C GLY A 39 12.66 6.11 1.55
N VAL A 40 12.59 5.17 0.61
CA VAL A 40 13.69 4.24 0.37
C VAL A 40 13.58 3.61 -1.01
N LYS A 41 14.65 3.72 -1.79
CA LYS A 41 14.68 3.16 -3.14
C LYS A 41 15.35 1.80 -3.14
N PRO A 42 14.84 0.89 -3.98
CA PRO A 42 15.38 -0.47 -4.11
C PRO A 42 16.77 -0.49 -4.76
N SER A 43 17.29 -1.69 -4.97
CA SER A 43 18.61 -1.85 -5.59
C SER A 43 18.51 -2.68 -6.87
N GLY A 44 18.37 -2.00 -8.00
CA GLY A 44 18.27 -2.70 -9.27
C GLY A 44 17.51 -1.90 -10.31
N PRO A 45 18.22 -0.98 -10.99
CA PRO A 45 17.61 -0.13 -12.02
C PRO A 45 17.26 -0.92 -13.28
N SER A 46 15.96 -1.12 -13.48
CA SER A 46 15.48 -1.86 -14.65
C SER A 46 16.03 -1.26 -15.94
N SER A 47 15.71 0.01 -16.18
CA SER A 47 16.17 0.69 -17.38
C SER A 47 16.18 2.21 -17.16
N GLY A 48 16.86 2.92 -18.05
CA GLY A 48 16.95 4.37 -17.95
C GLY A 48 16.58 5.07 -19.24
ZN ZN B . -0.01 5.02 0.57
N GLY A 1 -29.17 -2.95 6.59
CA GLY A 1 -28.99 -3.91 5.51
C GLY A 1 -28.07 -3.39 4.42
N SER A 2 -28.66 -2.82 3.38
CA SER A 2 -27.89 -2.28 2.26
C SER A 2 -27.08 -3.39 1.58
N SER A 3 -27.70 -4.54 1.41
CA SER A 3 -27.03 -5.68 0.78
C SER A 3 -26.76 -5.41 -0.70
N GLY A 4 -25.51 -5.59 -1.11
CA GLY A 4 -25.14 -5.35 -2.49
C GLY A 4 -23.64 -5.28 -2.69
N SER A 5 -22.94 -6.33 -2.26
CA SER A 5 -21.48 -6.38 -2.39
C SER A 5 -20.98 -7.82 -2.29
N SER A 6 -20.36 -8.29 -3.38
CA SER A 6 -19.84 -9.65 -3.42
C SER A 6 -18.32 -9.64 -3.48
N GLY A 7 -17.70 -10.50 -2.67
CA GLY A 7 -16.25 -10.58 -2.64
C GLY A 7 -15.69 -10.41 -1.24
N THR A 8 -15.83 -11.46 -0.43
CA THR A 8 -15.34 -11.43 0.94
C THR A 8 -13.81 -11.37 0.97
N GLY A 9 -13.27 -10.76 2.02
CA GLY A 9 -11.83 -10.65 2.15
C GLY A 9 -11.38 -9.25 2.51
N GLU A 10 -10.94 -9.06 3.75
CA GLU A 10 -10.49 -7.76 4.22
C GLU A 10 -9.03 -7.52 3.81
N LYS A 11 -8.65 -6.25 3.76
CA LYS A 11 -7.29 -5.87 3.40
C LYS A 11 -6.48 -5.45 4.63
N PRO A 12 -5.77 -6.42 5.22
CA PRO A 12 -4.94 -6.17 6.42
C PRO A 12 -3.73 -5.30 6.11
N PHE A 13 -3.20 -5.45 4.90
CA PHE A 13 -2.03 -4.69 4.48
C PHE A 13 -2.38 -3.22 4.25
N ALA A 14 -2.10 -2.38 5.23
CA ALA A 14 -2.39 -0.95 5.14
C ALA A 14 -1.12 -0.15 4.93
N CYS A 15 -1.20 0.89 4.10
CA CYS A 15 -0.06 1.74 3.82
C CYS A 15 0.47 2.37 5.10
N THR A 16 1.78 2.63 5.14
CA THR A 16 2.42 3.22 6.30
C THR A 16 2.44 4.75 6.19
N TRP A 17 2.57 5.24 4.96
CA TRP A 17 2.60 6.68 4.72
C TRP A 17 1.51 7.39 5.52
N PRO A 18 1.86 8.56 6.07
CA PRO A 18 0.92 9.37 6.86
C PRO A 18 -0.19 9.98 6.00
N GLY A 19 -1.39 10.03 6.56
CA GLY A 19 -2.52 10.59 5.82
C GLY A 19 -3.13 9.61 4.84
N CYS A 20 -2.27 8.82 4.19
CA CYS A 20 -2.73 7.84 3.22
C CYS A 20 -3.61 6.78 3.89
N GLY A 21 -4.48 6.16 3.11
CA GLY A 21 -5.37 5.14 3.63
C GLY A 21 -5.61 4.02 2.65
N TRP A 22 -4.58 3.63 1.92
CA TRP A 22 -4.69 2.57 0.94
C TRP A 22 -4.33 1.22 1.56
N ARG A 23 -5.22 0.24 1.39
CA ARG A 23 -4.99 -1.10 1.93
C ARG A 23 -5.00 -2.14 0.83
N PHE A 24 -4.59 -3.36 1.16
CA PHE A 24 -4.54 -4.45 0.20
C PHE A 24 -4.67 -5.80 0.89
N SER A 25 -5.19 -6.79 0.17
CA SER A 25 -5.35 -8.13 0.72
C SER A 25 -4.02 -8.86 0.79
N ARG A 26 -3.17 -8.62 -0.18
CA ARG A 26 -1.85 -9.25 -0.23
C ARG A 26 -0.75 -8.25 0.10
N SER A 27 0.46 -8.76 0.33
CA SER A 27 1.60 -7.91 0.67
C SER A 27 2.09 -7.17 -0.58
N ASP A 28 2.42 -7.93 -1.62
CA ASP A 28 2.91 -7.35 -2.86
C ASP A 28 2.02 -6.20 -3.32
N GLU A 29 0.71 -6.42 -3.27
CA GLU A 29 -0.26 -5.40 -3.68
C GLU A 29 -0.04 -4.11 -2.91
N LEU A 30 0.39 -4.23 -1.66
CA LEU A 30 0.65 -3.07 -0.82
C LEU A 30 2.02 -2.48 -1.11
N SER A 31 3.02 -3.34 -1.20
CA SER A 31 4.39 -2.91 -1.47
C SER A 31 4.46 -2.09 -2.76
N ARG A 32 3.80 -2.61 -3.80
CA ARG A 32 3.79 -1.93 -5.10
C ARG A 32 3.20 -0.54 -4.98
N HIS A 33 2.25 -0.38 -4.06
CA HIS A 33 1.60 0.91 -3.84
C HIS A 33 2.53 1.88 -3.12
N ARG A 34 3.30 1.35 -2.18
CA ARG A 34 4.24 2.17 -1.42
C ARG A 34 5.14 2.99 -2.35
N ARG A 35 5.31 2.49 -3.57
CA ARG A 35 6.14 3.18 -4.56
C ARG A 35 5.67 4.61 -4.78
N SER A 36 4.36 4.79 -4.87
CA SER A 36 3.79 6.11 -5.08
C SER A 36 4.37 7.12 -4.10
N HIS A 37 4.64 6.66 -2.89
CA HIS A 37 5.21 7.53 -1.85
C HIS A 37 6.73 7.42 -1.84
N SER A 38 7.40 8.55 -1.57
CA SER A 38 8.85 8.59 -1.53
C SER A 38 9.36 8.24 -0.14
N GLY A 39 10.66 7.95 -0.04
CA GLY A 39 11.26 7.60 1.24
C GLY A 39 12.35 8.58 1.65
N VAL A 40 13.48 8.03 2.09
CA VAL A 40 14.61 8.85 2.51
C VAL A 40 15.08 9.76 1.38
N LYS A 41 15.02 11.06 1.61
CA LYS A 41 15.44 12.03 0.60
C LYS A 41 16.81 11.67 0.04
N PRO A 42 16.94 11.75 -1.30
CA PRO A 42 18.19 11.43 -2.00
C PRO A 42 19.28 12.46 -1.73
N SER A 43 18.94 13.73 -1.92
CA SER A 43 19.91 14.81 -1.71
C SER A 43 19.23 16.17 -1.88
N GLY A 44 19.99 17.24 -1.65
CA GLY A 44 19.46 18.57 -1.79
C GLY A 44 18.36 18.87 -0.78
N PRO A 45 18.28 20.13 -0.33
CA PRO A 45 17.27 20.56 0.64
C PRO A 45 15.87 20.59 0.05
N SER A 46 15.73 21.23 -1.10
CA SER A 46 14.44 21.33 -1.76
C SER A 46 13.33 21.60 -0.76
N SER A 47 13.63 22.44 0.24
CA SER A 47 12.65 22.77 1.27
C SER A 47 11.91 21.53 1.75
N GLY A 48 12.67 20.47 2.03
CA GLY A 48 12.07 19.24 2.50
C GLY A 48 12.22 18.11 1.50
ZN ZN B . -0.03 4.91 0.55
N GLY A 1 -26.54 -14.41 6.43
CA GLY A 1 -25.20 -14.02 6.85
C GLY A 1 -24.74 -12.74 6.17
N SER A 2 -24.15 -11.84 6.95
CA SER A 2 -23.66 -10.58 6.43
C SER A 2 -22.27 -10.73 5.82
N SER A 3 -22.01 -9.96 4.76
CA SER A 3 -20.71 -10.01 4.08
C SER A 3 -20.14 -8.61 3.90
N GLY A 4 -18.90 -8.42 4.34
CA GLY A 4 -18.26 -7.13 4.21
C GLY A 4 -17.24 -6.88 5.30
N SER A 5 -17.69 -6.93 6.55
CA SER A 5 -16.80 -6.71 7.68
C SER A 5 -15.52 -7.53 7.56
N SER A 6 -15.70 -8.81 7.24
CA SER A 6 -14.56 -9.71 7.09
C SER A 6 -14.80 -10.71 5.96
N GLY A 7 -13.71 -11.15 5.32
CA GLY A 7 -13.82 -12.09 4.23
C GLY A 7 -12.61 -12.08 3.32
N THR A 8 -12.81 -12.45 2.06
CA THR A 8 -11.72 -12.49 1.10
C THR A 8 -11.36 -11.07 0.63
N GLY A 9 -12.27 -10.13 0.84
CA GLY A 9 -12.02 -8.76 0.44
C GLY A 9 -11.16 -8.01 1.44
N GLU A 10 -11.34 -8.31 2.73
CA GLU A 10 -10.58 -7.66 3.78
C GLU A 10 -9.16 -7.37 3.32
N LYS A 11 -8.59 -6.27 3.79
CA LYS A 11 -7.23 -5.89 3.44
C LYS A 11 -6.44 -5.47 4.67
N PRO A 12 -5.71 -6.44 5.26
CA PRO A 12 -4.90 -6.19 6.45
C PRO A 12 -3.68 -5.32 6.16
N PHE A 13 -3.17 -5.42 4.93
CA PHE A 13 -2.00 -4.63 4.52
C PHE A 13 -2.39 -3.18 4.30
N ALA A 14 -2.18 -2.35 5.32
CA ALA A 14 -2.50 -0.93 5.22
C ALA A 14 -1.24 -0.10 5.04
N CYS A 15 -1.29 0.87 4.13
CA CYS A 15 -0.14 1.74 3.87
C CYS A 15 0.38 2.35 5.16
N THR A 16 1.68 2.64 5.18
CA THR A 16 2.30 3.23 6.36
C THR A 16 2.38 4.75 6.23
N TRP A 17 2.50 5.24 5.01
CA TRP A 17 2.59 6.67 4.75
C TRP A 17 1.52 7.42 5.54
N PRO A 18 1.91 8.59 6.08
CA PRO A 18 1.00 9.44 6.87
C PRO A 18 -0.08 10.07 6.01
N GLY A 19 -1.33 10.01 6.49
CA GLY A 19 -2.44 10.58 5.75
C GLY A 19 -3.06 9.60 4.78
N CYS A 20 -2.22 8.79 4.15
CA CYS A 20 -2.70 7.80 3.18
C CYS A 20 -3.57 6.76 3.86
N GLY A 21 -4.49 6.18 3.10
CA GLY A 21 -5.38 5.17 3.64
C GLY A 21 -5.65 4.05 2.66
N TRP A 22 -4.61 3.59 1.98
CA TRP A 22 -4.74 2.52 0.99
C TRP A 22 -4.40 1.17 1.62
N ARG A 23 -5.29 0.20 1.45
CA ARG A 23 -5.08 -1.13 2.00
C ARG A 23 -5.10 -2.18 0.89
N PHE A 24 -4.54 -3.36 1.18
CA PHE A 24 -4.49 -4.44 0.21
C PHE A 24 -4.63 -5.80 0.91
N SER A 25 -5.13 -6.78 0.17
CA SER A 25 -5.32 -8.12 0.72
C SER A 25 -4.00 -8.88 0.75
N ARG A 26 -3.11 -8.56 -0.19
CA ARG A 26 -1.81 -9.21 -0.27
C ARG A 26 -0.69 -8.23 0.07
N SER A 27 0.50 -8.77 0.32
CA SER A 27 1.65 -7.95 0.66
C SER A 27 2.18 -7.21 -0.57
N ASP A 28 2.35 -7.95 -1.66
CA ASP A 28 2.84 -7.36 -2.90
C ASP A 28 1.96 -6.19 -3.35
N GLU A 29 0.65 -6.40 -3.32
CA GLU A 29 -0.30 -5.37 -3.72
C GLU A 29 -0.06 -4.08 -2.94
N LEU A 30 0.41 -4.23 -1.71
CA LEU A 30 0.68 -3.07 -0.85
C LEU A 30 2.07 -2.50 -1.14
N SER A 31 3.05 -3.38 -1.28
CA SER A 31 4.42 -2.95 -1.55
C SER A 31 4.49 -2.13 -2.83
N ARG A 32 3.84 -2.63 -3.88
CA ARG A 32 3.83 -1.95 -5.17
C ARG A 32 3.26 -0.53 -5.03
N HIS A 33 2.31 -0.38 -4.11
CA HIS A 33 1.68 0.92 -3.88
C HIS A 33 2.64 1.86 -3.16
N ARG A 34 3.33 1.35 -2.15
CA ARG A 34 4.28 2.15 -1.39
C ARG A 34 5.15 2.99 -2.31
N ARG A 35 5.36 2.50 -3.53
CA ARG A 35 6.18 3.21 -4.51
C ARG A 35 5.65 4.62 -4.73
N SER A 36 4.34 4.75 -4.83
CA SER A 36 3.71 6.05 -5.06
C SER A 36 4.27 7.10 -4.11
N HIS A 37 4.67 6.65 -2.92
CA HIS A 37 5.23 7.55 -1.92
C HIS A 37 6.75 7.48 -1.91
N SER A 38 7.39 8.45 -1.26
CA SER A 38 8.85 8.50 -1.20
C SER A 38 9.35 7.91 0.11
N GLY A 39 10.36 7.05 0.02
CA GLY A 39 10.91 6.42 1.20
C GLY A 39 11.62 5.12 0.90
N VAL A 40 12.70 5.20 0.11
CA VAL A 40 13.46 4.02 -0.27
C VAL A 40 14.75 4.40 -0.98
N LYS A 41 15.78 3.58 -0.81
CA LYS A 41 17.07 3.83 -1.45
C LYS A 41 16.88 4.23 -2.92
N PRO A 42 17.75 5.15 -3.39
CA PRO A 42 17.69 5.62 -4.78
C PRO A 42 18.12 4.56 -5.78
N SER A 43 17.64 4.67 -7.01
CA SER A 43 17.97 3.71 -8.05
C SER A 43 18.77 4.38 -9.17
N GLY A 44 20.08 4.15 -9.16
CA GLY A 44 20.94 4.73 -10.18
C GLY A 44 21.05 6.23 -10.05
N PRO A 45 21.42 6.90 -11.15
CA PRO A 45 21.57 8.36 -11.18
C PRO A 45 20.24 9.09 -11.07
N SER A 46 20.26 10.29 -10.50
CA SER A 46 19.04 11.08 -10.34
C SER A 46 18.78 11.92 -11.58
N SER A 47 17.69 11.60 -12.28
CA SER A 47 17.32 12.32 -13.50
C SER A 47 16.23 13.34 -13.20
N GLY A 48 16.33 14.49 -13.87
CA GLY A 48 15.34 15.55 -13.67
C GLY A 48 15.52 16.70 -14.64
ZN ZN B . -0.04 4.88 0.56
N GLY A 1 -14.09 12.97 -3.05
CA GLY A 1 -13.38 12.51 -4.22
C GLY A 1 -14.17 11.53 -5.05
N SER A 2 -13.50 10.83 -5.95
CA SER A 2 -14.16 9.86 -6.82
C SER A 2 -14.41 8.55 -6.07
N SER A 3 -15.46 7.84 -6.47
CA SER A 3 -15.82 6.57 -5.84
C SER A 3 -14.86 5.46 -6.26
N GLY A 4 -14.39 4.69 -5.28
CA GLY A 4 -13.48 3.60 -5.58
C GLY A 4 -14.16 2.25 -5.55
N SER A 5 -13.40 1.21 -5.24
CA SER A 5 -13.93 -0.15 -5.18
C SER A 5 -14.90 -0.30 -4.01
N SER A 6 -16.18 -0.51 -4.33
CA SER A 6 -17.20 -0.67 -3.31
C SER A 6 -17.36 -2.14 -2.94
N GLY A 7 -16.24 -2.85 -2.82
CA GLY A 7 -16.29 -4.26 -2.46
C GLY A 7 -15.09 -4.68 -1.64
N THR A 8 -14.99 -4.14 -0.43
CA THR A 8 -13.89 -4.47 0.46
C THR A 8 -14.28 -5.57 1.44
N GLY A 9 -13.32 -6.43 1.78
CA GLY A 9 -13.58 -7.52 2.70
C GLY A 9 -12.58 -7.58 3.83
N GLU A 10 -11.37 -8.03 3.52
CA GLU A 10 -10.31 -8.14 4.53
C GLU A 10 -8.95 -7.79 3.92
N LYS A 11 -8.39 -6.67 4.37
CA LYS A 11 -7.09 -6.22 3.87
C LYS A 11 -6.19 -5.78 5.02
N PRO A 12 -5.38 -6.73 5.53
CA PRO A 12 -4.45 -6.46 6.64
C PRO A 12 -3.30 -5.54 6.22
N PHE A 13 -2.95 -5.58 4.95
CA PHE A 13 -1.87 -4.75 4.43
C PHE A 13 -2.33 -3.31 4.25
N ALA A 14 -1.93 -2.45 5.19
CA ALA A 14 -2.31 -1.04 5.14
C ALA A 14 -1.07 -0.15 4.97
N CYS A 15 -1.18 0.85 4.11
CA CYS A 15 -0.09 1.76 3.85
C CYS A 15 0.40 2.40 5.15
N THR A 16 1.70 2.67 5.23
CA THR A 16 2.30 3.27 6.41
C THR A 16 2.36 4.79 6.28
N TRP A 17 2.47 5.27 5.05
CA TRP A 17 2.54 6.70 4.78
C TRP A 17 1.45 7.45 5.54
N PRO A 18 1.80 8.63 6.09
CA PRO A 18 0.87 9.46 6.85
C PRO A 18 -0.20 10.08 5.97
N GLY A 19 -1.43 10.13 6.49
CA GLY A 19 -2.53 10.71 5.72
C GLY A 19 -3.12 9.74 4.74
N CYS A 20 -2.27 8.91 4.13
CA CYS A 20 -2.72 7.92 3.16
C CYS A 20 -3.56 6.83 3.83
N GLY A 21 -4.48 6.24 3.07
CA GLY A 21 -5.32 5.19 3.61
C GLY A 21 -5.56 4.07 2.62
N TRP A 22 -4.49 3.64 1.96
CA TRP A 22 -4.59 2.56 0.98
C TRP A 22 -4.28 1.21 1.61
N ARG A 23 -5.18 0.25 1.41
CA ARG A 23 -5.02 -1.09 1.96
C ARG A 23 -5.02 -2.14 0.86
N PHE A 24 -4.58 -3.35 1.20
CA PHE A 24 -4.54 -4.44 0.23
C PHE A 24 -4.66 -5.79 0.94
N SER A 25 -5.20 -6.77 0.24
CA SER A 25 -5.38 -8.11 0.79
C SER A 25 -4.06 -8.87 0.80
N ARG A 26 -3.23 -8.61 -0.20
CA ARG A 26 -1.94 -9.28 -0.32
C ARG A 26 -0.80 -8.33 0.07
N SER A 27 0.40 -8.88 0.17
CA SER A 27 1.57 -8.09 0.55
C SER A 27 2.12 -7.32 -0.66
N ASP A 28 2.43 -8.06 -1.72
CA ASP A 28 2.96 -7.45 -2.93
C ASP A 28 2.06 -6.33 -3.42
N GLU A 29 0.75 -6.51 -3.24
CA GLU A 29 -0.23 -5.52 -3.67
C GLU A 29 -0.02 -4.20 -2.93
N LEU A 30 0.39 -4.29 -1.66
CA LEU A 30 0.62 -3.10 -0.85
C LEU A 30 1.99 -2.50 -1.14
N SER A 31 3.00 -3.35 -1.22
CA SER A 31 4.37 -2.90 -1.49
C SER A 31 4.42 -2.11 -2.80
N ARG A 32 3.74 -2.62 -3.82
CA ARG A 32 3.72 -1.97 -5.12
C ARG A 32 3.12 -0.56 -5.01
N HIS A 33 2.24 -0.38 -4.04
CA HIS A 33 1.59 0.92 -3.83
C HIS A 33 2.55 1.89 -3.14
N ARG A 34 3.26 1.41 -2.13
CA ARG A 34 4.21 2.23 -1.39
C ARG A 34 5.08 3.05 -2.35
N ARG A 35 5.27 2.53 -3.55
CA ARG A 35 6.08 3.20 -4.55
C ARG A 35 5.64 4.65 -4.73
N SER A 36 4.33 4.85 -4.82
CA SER A 36 3.78 6.19 -5.00
C SER A 36 4.42 7.17 -4.02
N HIS A 37 4.72 6.69 -2.82
CA HIS A 37 5.34 7.52 -1.80
C HIS A 37 6.87 7.42 -1.85
N SER A 38 7.55 8.41 -1.28
CA SER A 38 9.00 8.43 -1.27
C SER A 38 9.53 8.15 0.13
N GLY A 39 10.86 8.04 0.23
CA GLY A 39 11.48 7.77 1.51
C GLY A 39 12.12 9.00 2.12
N VAL A 40 13.46 9.03 2.11
CA VAL A 40 14.20 10.16 2.67
C VAL A 40 14.01 11.40 1.81
N LYS A 41 13.94 12.55 2.48
CA LYS A 41 13.76 13.83 1.78
C LYS A 41 14.80 13.99 0.67
N PRO A 42 14.37 14.61 -0.45
CA PRO A 42 15.24 14.84 -1.60
C PRO A 42 16.33 15.88 -1.31
N SER A 43 17.51 15.68 -1.89
CA SER A 43 18.62 16.59 -1.69
C SER A 43 19.13 17.12 -3.03
N GLY A 44 19.62 16.21 -3.88
CA GLY A 44 20.13 16.60 -5.17
C GLY A 44 20.85 17.93 -5.13
N PRO A 45 22.13 17.91 -4.73
CA PRO A 45 22.95 19.12 -4.64
C PRO A 45 23.28 19.70 -6.01
N SER A 46 23.57 18.82 -6.96
CA SER A 46 23.92 19.24 -8.31
C SER A 46 22.69 19.79 -9.04
N SER A 47 21.58 19.06 -8.96
CA SER A 47 20.35 19.49 -9.62
C SER A 47 19.20 19.52 -8.61
N GLY A 48 18.69 20.71 -8.35
CA GLY A 48 17.59 20.87 -7.41
C GLY A 48 16.58 19.75 -7.53
ZN ZN B . -0.08 4.94 0.52
N GLY A 1 -8.26 2.14 -7.72
CA GLY A 1 -9.02 0.95 -7.39
C GLY A 1 -9.25 0.06 -8.60
N SER A 2 -9.61 -1.20 -8.34
CA SER A 2 -9.85 -2.15 -9.42
C SER A 2 -11.17 -2.89 -9.20
N SER A 3 -11.90 -3.13 -10.27
CA SER A 3 -13.18 -3.84 -10.20
C SER A 3 -13.12 -5.16 -10.96
N GLY A 4 -13.94 -6.11 -10.54
CA GLY A 4 -13.97 -7.41 -11.19
C GLY A 4 -14.77 -8.44 -10.42
N SER A 5 -14.15 -9.05 -9.43
CA SER A 5 -14.82 -10.06 -8.61
C SER A 5 -14.77 -9.67 -7.13
N SER A 6 -15.89 -9.86 -6.45
CA SER A 6 -15.98 -9.53 -5.03
C SER A 6 -14.83 -10.17 -4.25
N GLY A 7 -14.00 -9.33 -3.66
CA GLY A 7 -12.87 -9.83 -2.90
C GLY A 7 -13.30 -10.68 -1.72
N THR A 8 -12.48 -11.68 -1.38
CA THR A 8 -12.78 -12.57 -0.27
C THR A 8 -11.73 -12.47 0.83
N GLY A 9 -11.91 -11.52 1.73
CA GLY A 9 -10.96 -11.34 2.82
C GLY A 9 -10.54 -9.89 2.98
N GLU A 10 -10.65 -9.39 4.20
CA GLU A 10 -10.29 -8.00 4.49
C GLU A 10 -8.85 -7.72 4.05
N LYS A 11 -8.49 -6.44 4.01
CA LYS A 11 -7.16 -6.04 3.61
C LYS A 11 -6.33 -5.61 4.81
N PRO A 12 -5.58 -6.56 5.39
CA PRO A 12 -4.73 -6.30 6.55
C PRO A 12 -3.53 -5.41 6.22
N PHE A 13 -3.07 -5.51 4.98
CA PHE A 13 -1.92 -4.72 4.54
C PHE A 13 -2.33 -3.26 4.31
N ALA A 14 -2.01 -2.41 5.29
CA ALA A 14 -2.33 -1.00 5.19
C ALA A 14 -1.08 -0.16 4.94
N CYS A 15 -1.25 0.97 4.26
CA CYS A 15 -0.14 1.85 3.95
C CYS A 15 0.40 2.50 5.22
N THR A 16 1.73 2.69 5.26
CA THR A 16 2.37 3.30 6.41
C THR A 16 2.43 4.82 6.28
N TRP A 17 2.47 5.29 5.04
CA TRP A 17 2.54 6.73 4.77
C TRP A 17 1.45 7.47 5.54
N PRO A 18 1.81 8.64 6.08
CA PRO A 18 0.88 9.47 6.85
C PRO A 18 -0.21 10.08 5.98
N GLY A 19 -1.44 10.10 6.49
CA GLY A 19 -2.55 10.65 5.75
C GLY A 19 -3.15 9.67 4.78
N CYS A 20 -2.31 8.88 4.12
CA CYS A 20 -2.76 7.89 3.16
C CYS A 20 -3.60 6.82 3.84
N GLY A 21 -4.47 6.17 3.07
CA GLY A 21 -5.33 5.14 3.62
C GLY A 21 -5.58 4.02 2.63
N TRP A 22 -4.54 3.57 1.95
CA TRP A 22 -4.66 2.50 0.97
C TRP A 22 -4.31 1.15 1.59
N ARG A 23 -5.21 0.17 1.42
CA ARG A 23 -5.00 -1.15 1.96
C ARG A 23 -5.00 -2.20 0.85
N PHE A 24 -4.55 -3.41 1.19
CA PHE A 24 -4.50 -4.50 0.21
C PHE A 24 -4.60 -5.85 0.91
N SER A 25 -5.22 -6.81 0.22
CA SER A 25 -5.40 -8.15 0.77
C SER A 25 -4.07 -8.90 0.83
N ARG A 26 -3.21 -8.63 -0.16
CA ARG A 26 -1.90 -9.27 -0.21
C ARG A 26 -0.79 -8.28 0.09
N SER A 27 0.44 -8.78 0.18
CA SER A 27 1.59 -7.93 0.47
C SER A 27 2.05 -7.20 -0.79
N ASP A 28 2.39 -7.96 -1.82
CA ASP A 28 2.85 -7.39 -3.07
C ASP A 28 1.94 -6.24 -3.51
N GLU A 29 0.63 -6.41 -3.31
CA GLU A 29 -0.33 -5.39 -3.69
C GLU A 29 -0.10 -4.10 -2.90
N LEU A 30 0.39 -4.25 -1.67
CA LEU A 30 0.65 -3.10 -0.81
C LEU A 30 2.03 -2.51 -1.11
N SER A 31 3.03 -3.38 -1.21
CA SER A 31 4.39 -2.96 -1.48
C SER A 31 4.47 -2.14 -2.76
N ARG A 32 3.82 -2.64 -3.81
CA ARG A 32 3.81 -1.97 -5.10
C ARG A 32 3.22 -0.56 -4.97
N HIS A 33 2.28 -0.41 -4.05
CA HIS A 33 1.63 0.88 -3.82
C HIS A 33 2.60 1.86 -3.17
N ARG A 34 3.30 1.41 -2.14
CA ARG A 34 4.25 2.24 -1.42
C ARG A 34 5.11 3.04 -2.40
N ARG A 35 5.32 2.49 -3.58
CA ARG A 35 6.12 3.16 -4.61
C ARG A 35 5.68 4.61 -4.78
N SER A 36 4.37 4.82 -4.86
CA SER A 36 3.82 6.16 -5.03
C SER A 36 4.45 7.13 -4.06
N HIS A 37 4.75 6.65 -2.84
CA HIS A 37 5.36 7.49 -1.83
C HIS A 37 6.88 7.33 -1.82
N SER A 38 7.56 8.17 -1.06
CA SER A 38 9.02 8.12 -0.97
C SER A 38 9.48 6.94 -0.13
N GLY A 39 9.04 6.92 1.13
CA GLY A 39 9.41 5.85 2.03
C GLY A 39 10.84 5.99 2.54
N VAL A 40 11.80 5.66 1.68
CA VAL A 40 13.21 5.75 2.05
C VAL A 40 13.96 6.74 1.15
N LYS A 41 14.92 7.45 1.73
CA LYS A 41 15.70 8.42 0.98
C LYS A 41 17.20 8.12 1.09
N PRO A 42 17.93 8.37 0.01
CA PRO A 42 19.37 8.13 -0.05
C PRO A 42 20.16 9.12 0.83
N SER A 43 21.48 9.04 0.75
CA SER A 43 22.34 9.91 1.55
C SER A 43 23.45 10.50 0.68
N GLY A 44 23.09 11.43 -0.20
CA GLY A 44 24.06 12.05 -1.07
C GLY A 44 23.64 12.02 -2.54
N PRO A 45 24.07 10.96 -3.24
CA PRO A 45 23.75 10.78 -4.67
C PRO A 45 22.27 10.47 -4.89
N SER A 46 21.86 10.45 -6.16
CA SER A 46 20.48 10.17 -6.50
C SER A 46 20.40 9.07 -7.57
N SER A 47 19.94 7.90 -7.15
CA SER A 47 19.82 6.76 -8.07
C SER A 47 18.39 6.60 -8.55
N GLY A 48 18.04 7.35 -9.60
CA GLY A 48 16.69 7.29 -10.15
C GLY A 48 16.54 6.19 -11.18
ZN ZN B . -0.01 5.00 0.61
N GLY A 1 -9.37 -22.69 -7.91
CA GLY A 1 -9.11 -21.65 -6.93
C GLY A 1 -10.34 -21.28 -6.13
N SER A 2 -10.75 -22.16 -5.23
CA SER A 2 -11.93 -21.92 -4.40
C SER A 2 -11.99 -20.46 -3.96
N SER A 3 -13.08 -19.79 -4.32
CA SER A 3 -13.26 -18.38 -3.96
C SER A 3 -14.32 -18.23 -2.87
N GLY A 4 -13.89 -18.42 -1.62
CA GLY A 4 -14.81 -18.30 -0.50
C GLY A 4 -14.19 -17.60 0.68
N SER A 5 -15.01 -17.23 1.66
CA SER A 5 -14.53 -16.54 2.85
C SER A 5 -14.60 -17.45 4.07
N SER A 6 -13.50 -18.14 4.35
CA SER A 6 -13.44 -19.05 5.48
C SER A 6 -12.81 -18.37 6.70
N GLY A 7 -13.17 -17.10 6.92
CA GLY A 7 -12.64 -16.36 8.04
C GLY A 7 -11.77 -15.19 7.60
N THR A 8 -10.96 -15.41 6.57
CA THR A 8 -10.07 -14.38 6.06
C THR A 8 -10.71 -13.63 4.90
N GLY A 9 -10.17 -12.47 4.58
CA GLY A 9 -10.70 -11.67 3.49
C GLY A 9 -10.32 -10.21 3.59
N GLU A 10 -10.39 -9.66 4.80
CA GLU A 10 -10.04 -8.27 5.02
C GLU A 10 -8.66 -7.95 4.45
N LYS A 11 -8.32 -6.66 4.42
CA LYS A 11 -7.04 -6.22 3.89
C LYS A 11 -6.11 -5.78 5.03
N PRO A 12 -5.29 -6.72 5.51
CA PRO A 12 -4.33 -6.46 6.60
C PRO A 12 -3.19 -5.54 6.16
N PHE A 13 -2.85 -5.61 4.88
CA PHE A 13 -1.77 -4.78 4.34
C PHE A 13 -2.23 -3.33 4.18
N ALA A 14 -1.93 -2.51 5.18
CA ALA A 14 -2.31 -1.10 5.15
C ALA A 14 -1.08 -0.21 4.97
N CYS A 15 -1.23 0.83 4.16
CA CYS A 15 -0.13 1.76 3.91
C CYS A 15 0.35 2.40 5.21
N THR A 16 1.66 2.65 5.28
CA THR A 16 2.24 3.26 6.47
C THR A 16 2.33 4.78 6.32
N TRP A 17 2.43 5.24 5.08
CA TRP A 17 2.51 6.68 4.81
C TRP A 17 1.44 7.44 5.58
N PRO A 18 1.81 8.61 6.12
CA PRO A 18 0.90 9.45 6.88
C PRO A 18 -0.17 10.09 6.00
N GLY A 19 -1.41 10.11 6.50
CA GLY A 19 -2.50 10.69 5.75
C GLY A 19 -3.11 9.72 4.76
N CYS A 20 -2.26 8.93 4.10
CA CYS A 20 -2.71 7.96 3.12
C CYS A 20 -3.59 6.90 3.77
N GLY A 21 -4.47 6.29 2.97
CA GLY A 21 -5.36 5.27 3.50
C GLY A 21 -5.58 4.14 2.50
N TRP A 22 -4.49 3.63 1.94
CA TRP A 22 -4.57 2.55 0.98
C TRP A 22 -4.30 1.20 1.65
N ARG A 23 -5.15 0.22 1.37
CA ARG A 23 -5.01 -1.11 1.94
C ARG A 23 -5.04 -2.18 0.85
N PHE A 24 -4.58 -3.37 1.20
CA PHE A 24 -4.55 -4.49 0.25
C PHE A 24 -4.66 -5.82 0.97
N SER A 25 -5.19 -6.82 0.29
CA SER A 25 -5.36 -8.16 0.87
C SER A 25 -4.03 -8.92 0.85
N ARG A 26 -3.18 -8.58 -0.11
CA ARG A 26 -1.89 -9.24 -0.24
C ARG A 26 -0.75 -8.26 0.06
N SER A 27 0.46 -8.80 0.21
CA SER A 27 1.63 -7.98 0.50
C SER A 27 2.08 -7.21 -0.75
N ASP A 28 2.48 -7.95 -1.78
CA ASP A 28 2.93 -7.35 -3.02
C ASP A 28 2.00 -6.22 -3.45
N GLU A 29 0.70 -6.41 -3.24
CA GLU A 29 -0.29 -5.41 -3.60
C GLU A 29 -0.03 -4.10 -2.87
N LEU A 30 0.31 -4.19 -1.59
CA LEU A 30 0.59 -3.02 -0.78
C LEU A 30 1.97 -2.44 -1.11
N SER A 31 2.96 -3.31 -1.22
CA SER A 31 4.32 -2.88 -1.54
C SER A 31 4.35 -2.08 -2.83
N ARG A 32 3.73 -2.63 -3.88
CA ARG A 32 3.69 -1.98 -5.17
C ARG A 32 3.10 -0.57 -5.05
N HIS A 33 2.22 -0.39 -4.07
CA HIS A 33 1.60 0.91 -3.84
C HIS A 33 2.54 1.86 -3.11
N ARG A 34 3.25 1.34 -2.12
CA ARG A 34 4.20 2.14 -1.36
C ARG A 34 5.11 2.95 -2.28
N ARG A 35 5.29 2.46 -3.50
CA ARG A 35 6.13 3.12 -4.48
C ARG A 35 5.68 4.57 -4.70
N SER A 36 4.37 4.76 -4.82
CA SER A 36 3.81 6.08 -5.04
C SER A 36 4.43 7.10 -4.07
N HIS A 37 4.73 6.65 -2.86
CA HIS A 37 5.32 7.51 -1.85
C HIS A 37 6.84 7.40 -1.86
N SER A 38 7.51 8.42 -1.36
CA SER A 38 8.97 8.44 -1.31
C SER A 38 9.48 7.71 -0.07
N GLY A 39 9.01 6.49 0.12
CA GLY A 39 9.43 5.70 1.27
C GLY A 39 10.60 4.80 0.95
N VAL A 40 10.42 3.50 1.18
CA VAL A 40 11.48 2.52 0.91
C VAL A 40 11.85 2.50 -0.57
N LYS A 41 13.15 2.57 -0.85
CA LYS A 41 13.64 2.56 -2.21
C LYS A 41 14.78 1.55 -2.38
N PRO A 42 14.78 0.84 -3.51
CA PRO A 42 15.81 -0.16 -3.82
C PRO A 42 17.17 0.47 -4.10
N SER A 43 17.15 1.67 -4.67
CA SER A 43 18.38 2.38 -4.99
C SER A 43 19.33 1.48 -5.79
N GLY A 44 18.77 0.73 -6.72
CA GLY A 44 19.58 -0.16 -7.53
C GLY A 44 20.12 0.51 -8.79
N PRO A 45 21.27 0.04 -9.28
CA PRO A 45 21.91 0.59 -10.47
C PRO A 45 21.13 0.28 -11.75
N SER A 46 20.44 1.29 -12.28
CA SER A 46 19.65 1.11 -13.49
C SER A 46 20.28 1.86 -14.67
N SER A 47 20.00 1.39 -15.87
CA SER A 47 20.54 2.01 -17.08
C SER A 47 19.44 2.29 -18.09
N GLY A 48 19.72 3.18 -19.04
CA GLY A 48 18.74 3.53 -20.05
C GLY A 48 17.50 4.17 -19.46
ZN ZN B . -0.12 4.93 0.49
N GLY A 1 -18.24 5.97 4.58
CA GLY A 1 -18.34 5.18 3.38
C GLY A 1 -19.12 3.89 3.59
N SER A 2 -19.13 3.02 2.59
CA SER A 2 -19.84 1.75 2.67
C SER A 2 -18.88 0.62 3.01
N SER A 3 -19.43 -0.54 3.35
CA SER A 3 -18.62 -1.71 3.70
C SER A 3 -18.66 -2.75 2.59
N GLY A 4 -17.54 -3.43 2.39
CA GLY A 4 -17.48 -4.45 1.35
C GLY A 4 -18.10 -5.76 1.79
N SER A 5 -17.46 -6.87 1.45
CA SER A 5 -17.96 -8.19 1.80
C SER A 5 -17.63 -8.53 3.25
N SER A 6 -18.65 -8.95 3.99
CA SER A 6 -18.48 -9.30 5.40
C SER A 6 -18.00 -10.74 5.55
N GLY A 7 -17.49 -11.07 6.73
CA GLY A 7 -17.01 -12.43 6.98
C GLY A 7 -15.53 -12.58 6.67
N THR A 8 -15.22 -12.92 5.43
CA THR A 8 -13.83 -13.10 5.00
C THR A 8 -13.53 -12.31 3.74
N GLY A 9 -12.41 -11.60 3.75
CA GLY A 9 -12.03 -10.81 2.59
C GLY A 9 -11.68 -9.37 2.95
N GLU A 10 -10.74 -9.22 3.87
CA GLU A 10 -10.32 -7.89 4.31
C GLU A 10 -8.88 -7.61 3.91
N LYS A 11 -8.53 -6.33 3.82
CA LYS A 11 -7.18 -5.92 3.44
C LYS A 11 -6.39 -5.45 4.66
N PRO A 12 -5.63 -6.37 5.27
CA PRO A 12 -4.82 -6.06 6.44
C PRO A 12 -3.63 -5.17 6.12
N PHE A 13 -3.04 -5.38 4.94
CA PHE A 13 -1.90 -4.58 4.51
C PHE A 13 -2.31 -3.13 4.25
N ALA A 14 -2.06 -2.27 5.23
CA ALA A 14 -2.40 -0.86 5.11
C ALA A 14 -1.15 -0.01 4.93
N CYS A 15 -1.24 0.98 4.04
CA CYS A 15 -0.11 1.87 3.77
C CYS A 15 0.38 2.52 5.06
N THR A 16 1.70 2.50 5.26
CA THR A 16 2.30 3.09 6.46
C THR A 16 2.42 4.61 6.31
N TRP A 17 2.35 5.09 5.08
CA TRP A 17 2.45 6.52 4.81
C TRP A 17 1.40 7.29 5.59
N PRO A 18 1.81 8.46 6.13
CA PRO A 18 0.91 9.32 6.91
C PRO A 18 -0.16 9.97 6.05
N GLY A 19 -1.39 10.00 6.56
CA GLY A 19 -2.49 10.60 5.82
C GLY A 19 -3.11 9.64 4.83
N CYS A 20 -2.28 8.82 4.20
CA CYS A 20 -2.75 7.85 3.23
C CYS A 20 -3.65 6.80 3.88
N GLY A 21 -4.54 6.22 3.10
CA GLY A 21 -5.45 5.21 3.62
C GLY A 21 -5.70 4.09 2.63
N TRP A 22 -4.64 3.61 1.99
CA TRP A 22 -4.75 2.53 1.02
C TRP A 22 -4.41 1.19 1.64
N ARG A 23 -5.28 0.21 1.43
CA ARG A 23 -5.08 -1.13 1.97
C ARG A 23 -5.06 -2.17 0.86
N PHE A 24 -4.54 -3.36 1.18
CA PHE A 24 -4.46 -4.44 0.20
C PHE A 24 -4.58 -5.79 0.89
N SER A 25 -5.15 -6.77 0.18
CA SER A 25 -5.34 -8.10 0.72
C SER A 25 -4.00 -8.83 0.82
N ARG A 26 -3.13 -8.59 -0.14
CA ARG A 26 -1.81 -9.23 -0.17
C ARG A 26 -0.70 -8.20 0.06
N SER A 27 0.50 -8.69 0.36
CA SER A 27 1.64 -7.82 0.61
C SER A 27 2.12 -7.16 -0.69
N ASP A 28 2.37 -7.99 -1.70
CA ASP A 28 2.82 -7.49 -2.99
C ASP A 28 1.92 -6.37 -3.49
N GLU A 29 0.64 -6.44 -3.14
CA GLU A 29 -0.33 -5.43 -3.56
C GLU A 29 -0.10 -4.12 -2.83
N LEU A 30 0.43 -4.21 -1.61
CA LEU A 30 0.71 -3.02 -0.81
C LEU A 30 2.08 -2.45 -1.14
N SER A 31 3.09 -3.32 -1.18
CA SER A 31 4.45 -2.90 -1.48
C SER A 31 4.51 -2.13 -2.79
N ARG A 32 3.80 -2.63 -3.79
CA ARG A 32 3.77 -1.98 -5.10
C ARG A 32 3.22 -0.56 -4.99
N HIS A 33 2.27 -0.36 -4.10
CA HIS A 33 1.66 0.95 -3.89
C HIS A 33 2.65 1.90 -3.22
N ARG A 34 3.37 1.38 -2.22
CA ARG A 34 4.34 2.19 -1.49
C ARG A 34 5.20 3.01 -2.45
N ARG A 35 5.37 2.50 -3.68
CA ARG A 35 6.17 3.17 -4.68
C ARG A 35 5.70 4.61 -4.88
N SER A 36 4.39 4.80 -4.94
CA SER A 36 3.80 6.12 -5.12
C SER A 36 4.41 7.12 -4.13
N HIS A 37 4.73 6.63 -2.94
CA HIS A 37 5.30 7.48 -1.90
C HIS A 37 6.83 7.38 -1.90
N SER A 38 7.47 8.23 -1.10
CA SER A 38 8.93 8.24 -1.01
C SER A 38 9.43 7.07 -0.17
N GLY A 39 9.09 7.09 1.13
CA GLY A 39 9.51 6.04 2.02
C GLY A 39 10.03 6.57 3.35
N VAL A 40 11.26 7.06 3.33
CA VAL A 40 11.87 7.61 4.54
C VAL A 40 12.09 9.11 4.42
N LYS A 41 11.64 9.85 5.42
CA LYS A 41 11.79 11.30 5.42
C LYS A 41 13.24 11.70 5.17
N PRO A 42 13.43 12.75 4.36
CA PRO A 42 14.76 13.26 4.02
C PRO A 42 15.46 13.92 5.22
N SER A 43 16.78 13.85 5.24
CA SER A 43 17.56 14.43 6.32
C SER A 43 19.05 14.48 5.96
N GLY A 44 19.60 15.70 5.94
CA GLY A 44 21.01 15.85 5.61
C GLY A 44 21.43 17.31 5.59
N PRO A 45 22.62 17.59 6.13
CA PRO A 45 23.17 18.95 6.18
C PRO A 45 23.58 19.47 4.81
N SER A 46 23.69 18.56 3.85
CA SER A 46 24.07 18.92 2.49
C SER A 46 23.07 19.89 1.88
N SER A 47 21.83 19.44 1.74
CA SER A 47 20.77 20.26 1.17
C SER A 47 20.13 21.15 2.24
N GLY A 48 19.91 22.41 1.90
CA GLY A 48 19.32 23.34 2.84
C GLY A 48 17.91 23.75 2.44
ZN ZN B . -0.08 5.02 0.47
N GLY A 1 -21.83 -2.12 -8.76
CA GLY A 1 -23.23 -2.21 -8.42
C GLY A 1 -23.48 -2.10 -6.93
N SER A 2 -23.51 -3.23 -6.24
CA SER A 2 -23.74 -3.25 -4.81
C SER A 2 -22.44 -3.02 -4.04
N SER A 3 -21.38 -3.68 -4.48
CA SER A 3 -20.07 -3.55 -3.82
C SER A 3 -18.95 -3.74 -4.84
N GLY A 4 -17.72 -3.47 -4.40
CA GLY A 4 -16.57 -3.61 -5.27
C GLY A 4 -16.17 -5.06 -5.47
N SER A 5 -15.19 -5.30 -6.33
CA SER A 5 -14.71 -6.64 -6.61
C SER A 5 -14.63 -7.47 -5.33
N SER A 6 -13.90 -6.94 -4.34
CA SER A 6 -13.74 -7.63 -3.07
C SER A 6 -15.08 -7.76 -2.35
N GLY A 7 -15.71 -6.63 -2.07
CA GLY A 7 -16.99 -6.63 -1.39
C GLY A 7 -16.87 -7.03 0.06
N THR A 8 -16.95 -6.05 0.96
CA THR A 8 -16.85 -6.32 2.39
C THR A 8 -15.80 -7.38 2.68
N GLY A 9 -14.68 -7.31 1.97
CA GLY A 9 -13.61 -8.27 2.16
C GLY A 9 -12.74 -7.94 3.36
N GLU A 10 -11.43 -8.04 3.19
CA GLU A 10 -10.50 -7.75 4.26
C GLU A 10 -9.10 -7.48 3.72
N LYS A 11 -8.49 -6.39 4.17
CA LYS A 11 -7.16 -6.01 3.72
C LYS A 11 -6.28 -5.60 4.90
N PRO A 12 -5.53 -6.57 5.45
CA PRO A 12 -4.63 -6.33 6.58
C PRO A 12 -3.43 -5.47 6.21
N PHE A 13 -3.06 -5.50 4.93
CA PHE A 13 -1.93 -4.72 4.44
C PHE A 13 -2.33 -3.26 4.22
N ALA A 14 -2.12 -2.44 5.23
CA ALA A 14 -2.45 -1.02 5.15
C ALA A 14 -1.20 -0.16 4.96
N CYS A 15 -1.30 0.83 4.10
CA CYS A 15 -0.17 1.72 3.82
C CYS A 15 0.39 2.30 5.12
N THR A 16 1.69 2.56 5.13
CA THR A 16 2.35 3.12 6.31
C THR A 16 2.45 4.63 6.22
N TRP A 17 2.47 5.15 5.00
CA TRP A 17 2.55 6.59 4.77
C TRP A 17 1.48 7.32 5.56
N PRO A 18 1.85 8.49 6.12
CA PRO A 18 0.94 9.32 6.91
C PRO A 18 -0.14 9.96 6.05
N GLY A 19 -1.37 9.99 6.55
CA GLY A 19 -2.46 10.59 5.82
C GLY A 19 -3.09 9.62 4.82
N CYS A 20 -2.25 8.82 4.18
CA CYS A 20 -2.72 7.85 3.20
C CYS A 20 -3.63 6.82 3.85
N GLY A 21 -4.50 6.21 3.04
CA GLY A 21 -5.41 5.20 3.56
C GLY A 21 -5.63 4.07 2.58
N TRP A 22 -4.57 3.67 1.89
CA TRP A 22 -4.66 2.59 0.91
C TRP A 22 -4.32 1.25 1.57
N ARG A 23 -5.20 0.27 1.38
CA ARG A 23 -4.99 -1.06 1.94
C ARG A 23 -5.03 -2.13 0.85
N PHE A 24 -4.55 -3.32 1.18
CA PHE A 24 -4.52 -4.44 0.23
C PHE A 24 -4.66 -5.77 0.95
N SER A 25 -5.21 -6.75 0.25
CA SER A 25 -5.40 -8.08 0.83
C SER A 25 -4.09 -8.86 0.84
N ARG A 26 -3.17 -8.48 -0.04
CA ARG A 26 -1.88 -9.14 -0.13
C ARG A 26 -0.75 -8.16 0.17
N SER A 27 0.45 -8.70 0.41
CA SER A 27 1.62 -7.88 0.71
C SER A 27 2.13 -7.17 -0.54
N ASP A 28 2.42 -7.95 -1.57
CA ASP A 28 2.92 -7.40 -2.83
C ASP A 28 2.04 -6.24 -3.29
N GLU A 29 0.72 -6.45 -3.26
CA GLU A 29 -0.22 -5.43 -3.67
C GLU A 29 0.02 -4.11 -2.93
N LEU A 30 0.40 -4.23 -1.67
CA LEU A 30 0.67 -3.05 -0.85
C LEU A 30 2.05 -2.48 -1.15
N SER A 31 3.04 -3.36 -1.28
CA SER A 31 4.40 -2.94 -1.57
C SER A 31 4.46 -2.13 -2.86
N ARG A 32 3.85 -2.65 -3.92
CA ARG A 32 3.83 -1.98 -5.20
C ARG A 32 3.25 -0.56 -5.08
N HIS A 33 2.32 -0.40 -4.14
CA HIS A 33 1.70 0.90 -3.91
C HIS A 33 2.66 1.85 -3.22
N ARG A 34 3.33 1.37 -2.18
CA ARG A 34 4.27 2.18 -1.43
C ARG A 34 5.12 3.04 -2.38
N ARG A 35 5.34 2.54 -3.59
CA ARG A 35 6.13 3.26 -4.59
C ARG A 35 5.62 4.68 -4.75
N SER A 36 4.31 4.84 -4.88
CA SER A 36 3.70 6.15 -5.03
C SER A 36 4.32 7.16 -4.09
N HIS A 37 4.63 6.71 -2.88
CA HIS A 37 5.24 7.59 -1.86
C HIS A 37 6.76 7.45 -1.87
N SER A 38 7.42 8.30 -1.11
CA SER A 38 8.87 8.28 -1.02
C SER A 38 9.34 7.69 0.31
N GLY A 39 10.58 7.20 0.34
CA GLY A 39 11.12 6.61 1.55
C GLY A 39 12.62 6.40 1.46
N VAL A 40 13.35 6.98 2.40
CA VAL A 40 14.80 6.85 2.43
C VAL A 40 15.25 5.97 3.60
N LYS A 41 16.04 4.95 3.28
CA LYS A 41 16.53 4.02 4.30
C LYS A 41 17.77 4.60 5.01
N PRO A 42 17.81 4.45 6.33
CA PRO A 42 18.92 4.94 7.15
C PRO A 42 20.21 4.17 6.91
N SER A 43 21.33 4.72 7.38
CA SER A 43 22.63 4.07 7.22
C SER A 43 22.99 3.97 5.74
N GLY A 44 22.66 5.00 4.98
CA GLY A 44 22.96 5.00 3.55
C GLY A 44 21.72 5.17 2.70
N PRO A 45 21.88 5.86 1.56
CA PRO A 45 20.77 6.11 0.63
C PRO A 45 20.32 4.85 -0.08
N SER A 46 19.21 4.94 -0.81
CA SER A 46 18.67 3.80 -1.53
C SER A 46 18.43 4.15 -3.00
N SER A 47 18.15 3.13 -3.81
CA SER A 47 17.90 3.34 -5.22
C SER A 47 16.70 4.25 -5.44
N GLY A 48 16.89 5.29 -6.26
CA GLY A 48 15.81 6.22 -6.53
C GLY A 48 16.05 7.58 -5.91
ZN ZN B . -0.12 4.93 0.46
#